data_6S72
#
_entry.id   6S72
#
_cell.length_a   60.103
_cell.length_b   109.974
_cell.length_c   157.899
_cell.angle_alpha   90.000
_cell.angle_beta   90.000
_cell.angle_gamma   90.000
#
_symmetry.space_group_name_H-M   'P 2 21 21'
#
loop_
_entity.id
_entity.type
_entity.pdbx_description
1 polymer 'Homospermidine synthase'
2 non-polymer NICOTINAMIDE-ADENINE-DINUCLEOTIDE
3 non-polymer 1,4-DIAMINOBUTANE
4 water water
#
_entity_poly.entity_id   1
_entity_poly.type   'polypeptide(L)'
_entity_poly.pdbx_seq_one_letter_code
;GPMGTDWPVYHRIDGPIVMIGFGSIGRGTLPLIERHFAFDRSKLVVIDPSDEARKLAEARGVRFIQQAVTRDNYRELLVP
LLTAGPGQGFCVNLSVDTSSLDIMELARENGALYIDTVVEPWLGFYFDPDLKPEARSNYALRETVLAARRNKPGGTTAVS
CCGANPGMVSWFVKQALVNLAADLGVTGEEPTTREEWARLAMDLGVKGIHIAERDTQRASFPKPFDVFVNTASVEGFVSE
GLQPAELGWGTFERWMPDNARGHDSGCGAGIYLLQPGANTRVRSWTPTAMAQYGFLVTHNESISIADFLTVRDAAGQAVY
RPTCHYAYHPCNDAVLSLHEMFGSGKRQSDWRILDETEIVDGIDELGVLLYGHGKNAYWYGSQLSIEETRRIAPDQNATG
LQVSSAVLAGMVWALENPNAGIVEADDLDFRRCLEVQTPYLGPVVGVYTDWTPLAGRPGLFPEDIDTSDPWQFRNVLVRD
;
_entity_poly.pdbx_strand_id   A,B
#
# COMPACT_ATOMS: atom_id res chain seq x y z
N ASP A 6 17.65 4.85 41.46
CA ASP A 6 16.57 5.83 41.33
C ASP A 6 16.69 6.60 40.02
N TRP A 7 15.60 7.26 39.61
N TRP A 7 15.60 7.26 39.62
CA TRP A 7 15.65 8.10 38.42
CA TRP A 7 15.65 8.10 38.44
C TRP A 7 16.25 9.46 38.76
C TRP A 7 16.28 9.45 38.77
N PRO A 8 17.10 10.00 37.88
CA PRO A 8 17.73 11.29 38.18
C PRO A 8 16.72 12.42 38.14
N VAL A 9 16.75 13.28 39.15
CA VAL A 9 16.02 14.53 39.14
C VAL A 9 17.00 15.61 38.73
N TYR A 10 16.84 16.12 37.50
CA TYR A 10 17.88 16.95 36.90
C TYR A 10 17.86 18.37 37.44
N HIS A 11 16.68 18.96 37.60
CA HIS A 11 16.56 20.33 38.06
C HIS A 11 15.21 20.51 38.75
N ARG A 12 15.14 21.58 39.55
CA ARG A 12 13.88 22.07 40.07
C ARG A 12 13.33 23.11 39.11
N ILE A 13 12.04 23.02 38.81
CA ILE A 13 11.31 24.07 38.08
C ILE A 13 10.45 24.77 39.11
N ASP A 14 10.73 26.05 39.35
N ASP A 14 10.72 26.05 39.35
CA ASP A 14 9.98 26.80 40.35
CA ASP A 14 10.00 26.82 40.35
C ASP A 14 8.82 27.59 39.76
C ASP A 14 8.90 27.69 39.77
N GLY A 15 8.75 27.72 38.44
CA GLY A 15 7.68 28.46 37.81
C GLY A 15 6.55 27.57 37.35
N PRO A 16 5.59 28.15 36.62
CA PRO A 16 4.50 27.34 36.08
C PRO A 16 4.95 26.47 34.91
N ILE A 17 4.42 25.25 34.86
CA ILE A 17 4.61 24.35 33.73
C ILE A 17 3.29 24.29 32.98
N VAL A 18 3.25 24.86 31.78
CA VAL A 18 2.03 25.00 31.01
C VAL A 18 2.10 24.01 29.85
N MET A 19 1.32 22.94 29.90
CA MET A 19 1.29 21.95 28.84
CA MET A 19 1.29 21.94 28.85
C MET A 19 0.08 22.21 27.95
N ILE A 20 0.33 22.55 26.70
CA ILE A 20 -0.71 22.79 25.71
C ILE A 20 -0.88 21.50 24.94
N GLY A 21 -2.03 20.84 25.12
CA GLY A 21 -2.28 19.59 24.44
C GLY A 21 -1.96 18.40 25.31
N PHE A 22 -2.91 17.47 25.40
CA PHE A 22 -2.75 16.29 26.22
C PHE A 22 -3.26 15.08 25.41
N GLY A 23 -2.68 14.89 24.24
CA GLY A 23 -2.90 13.71 23.42
C GLY A 23 -1.90 12.62 23.75
N SER A 24 -1.55 11.82 22.74
CA SER A 24 -0.66 10.68 23.02
C SER A 24 0.69 11.14 23.53
N ILE A 25 1.23 12.25 23.01
CA ILE A 25 2.56 12.66 23.43
C ILE A 25 2.51 13.36 24.79
N GLY A 26 1.49 14.19 25.02
CA GLY A 26 1.35 14.82 26.31
C GLY A 26 1.17 13.82 27.43
N ARG A 27 0.41 12.76 27.17
CA ARG A 27 0.17 11.73 28.18
C ARG A 27 1.42 10.94 28.51
N GLY A 28 2.35 10.82 27.57
CA GLY A 28 3.60 10.15 27.84
C GLY A 28 4.68 11.07 28.37
N THR A 29 4.53 12.38 28.17
CA THR A 29 5.54 13.33 28.58
C THR A 29 5.35 13.80 30.01
N LEU A 30 4.09 14.00 30.43
CA LEU A 30 3.81 14.44 31.79
C LEU A 30 4.44 13.52 32.84
N PRO A 31 4.29 12.20 32.77
CA PRO A 31 4.96 11.35 33.76
C PRO A 31 6.47 11.52 33.75
N LEU A 32 7.07 11.77 32.60
CA LEU A 32 8.51 12.00 32.56
C LEU A 32 8.86 13.31 33.24
N ILE A 33 8.03 14.35 33.05
CA ILE A 33 8.28 15.62 33.70
C ILE A 33 8.20 15.46 35.21
N GLU A 34 7.18 14.73 35.70
CA GLU A 34 7.01 14.52 37.14
C GLU A 34 8.15 13.71 37.72
N ARG A 35 8.70 12.77 36.93
CA ARG A 35 9.76 11.90 37.41
C ARG A 35 11.10 12.63 37.51
N HIS A 36 11.39 13.51 36.56
CA HIS A 36 12.74 14.02 36.39
C HIS A 36 12.93 15.47 36.79
N PHE A 37 11.87 16.17 37.19
CA PHE A 37 11.99 17.54 37.66
C PHE A 37 11.29 17.66 39.01
N ALA A 38 11.82 18.56 39.85
CA ALA A 38 11.24 18.85 41.15
C ALA A 38 10.37 20.09 41.04
N PHE A 39 9.14 20.00 41.53
CA PHE A 39 8.22 21.13 41.50
C PHE A 39 6.97 20.74 42.27
N ASP A 40 6.25 21.76 42.76
CA ASP A 40 4.95 21.53 43.37
C ASP A 40 3.96 21.14 42.27
N ARG A 41 3.31 19.98 42.42
CA ARG A 41 2.42 19.51 41.38
C ARG A 41 1.35 20.53 41.02
N SER A 42 0.97 21.41 41.94
CA SER A 42 -0.09 22.36 41.65
C SER A 42 0.35 23.45 40.68
N LYS A 43 1.64 23.56 40.38
CA LYS A 43 2.15 24.54 39.42
C LYS A 43 2.02 24.08 37.98
N LEU A 44 1.58 22.85 37.76
CA LEU A 44 1.39 22.35 36.41
C LEU A 44 -0.06 22.59 35.97
N VAL A 45 -0.23 22.95 34.70
CA VAL A 45 -1.55 23.20 34.15
C VAL A 45 -1.60 22.62 32.74
N VAL A 46 -2.67 21.89 32.43
CA VAL A 46 -2.86 21.26 31.13
C VAL A 46 -4.05 21.95 30.46
N ILE A 47 -3.87 22.31 29.18
CA ILE A 47 -4.91 22.95 28.39
C ILE A 47 -5.23 22.06 27.20
N ASP A 48 -6.50 21.67 27.05
CA ASP A 48 -6.89 20.82 25.93
C ASP A 48 -8.39 20.90 25.76
N PRO A 49 -8.90 20.99 24.53
CA PRO A 49 -10.37 21.14 24.37
C PRO A 49 -11.16 19.86 24.61
N SER A 50 -10.54 18.69 24.68
CA SER A 50 -11.31 17.46 24.64
C SER A 50 -11.68 16.94 26.02
N ASP A 51 -12.88 16.34 26.11
CA ASP A 51 -13.31 15.71 27.35
C ASP A 51 -12.41 14.55 27.72
N GLU A 52 -11.97 13.77 26.72
CA GLU A 52 -11.07 12.64 27.00
C GLU A 52 -9.83 13.12 27.76
N ALA A 53 -9.23 14.21 27.30
CA ALA A 53 -8.06 14.75 27.97
C ALA A 53 -8.42 15.24 29.37
N ARG A 54 -9.60 15.84 29.54
CA ARG A 54 -9.98 16.33 30.85
C ARG A 54 -10.06 15.20 31.86
N LYS A 55 -10.71 14.10 31.48
CA LYS A 55 -10.84 12.99 32.43
C LYS A 55 -9.46 12.43 32.81
N LEU A 56 -8.53 12.38 31.86
CA LEU A 56 -7.22 11.83 32.15
C LEU A 56 -6.43 12.75 33.07
N ALA A 57 -6.51 14.06 32.84
CA ALA A 57 -5.83 15.01 33.71
C ALA A 57 -6.42 14.99 35.11
N GLU A 58 -7.75 15.00 35.20
CA GLU A 58 -8.41 14.93 36.50
C GLU A 58 -8.03 13.66 37.23
N ALA A 59 -7.90 12.54 36.51
CA ALA A 59 -7.45 11.30 37.14
C ALA A 59 -6.04 11.42 37.69
N ARG A 60 -5.25 12.39 37.20
CA ARG A 60 -3.92 12.64 37.73
C ARG A 60 -3.89 13.75 38.76
N GLY A 61 -5.04 14.36 39.07
CA GLY A 61 -5.05 15.46 40.02
C GLY A 61 -4.30 16.68 39.55
N VAL A 62 -4.25 16.89 38.24
N VAL A 62 -4.22 16.89 38.23
CA VAL A 62 -3.54 18.00 37.63
CA VAL A 62 -3.51 18.02 37.67
C VAL A 62 -4.55 19.05 37.18
C VAL A 62 -4.52 19.05 37.16
N ARG A 63 -4.22 20.32 37.39
CA ARG A 63 -5.10 21.40 36.96
C ARG A 63 -5.33 21.36 35.46
N PHE A 64 -6.58 21.52 35.05
CA PHE A 64 -6.98 21.37 33.66
C PHE A 64 -7.87 22.54 33.24
N ILE A 65 -7.62 23.03 32.03
CA ILE A 65 -8.43 24.08 31.41
C ILE A 65 -8.92 23.53 30.08
N GLN A 66 -10.23 23.39 29.94
CA GLN A 66 -10.80 22.78 28.74
C GLN A 66 -11.09 23.86 27.69
N GLN A 67 -10.03 24.23 26.97
CA GLN A 67 -10.10 25.26 25.96
C GLN A 67 -9.24 24.85 24.77
N ALA A 68 -9.73 25.16 23.57
CA ALA A 68 -8.88 25.17 22.39
C ALA A 68 -8.14 26.50 22.36
N VAL A 69 -6.81 26.45 22.28
CA VAL A 69 -6.03 27.67 22.08
C VAL A 69 -6.19 28.11 20.63
N THR A 70 -6.62 29.34 20.42
CA THR A 70 -6.86 29.85 19.08
C THR A 70 -6.13 31.19 18.89
N ARG A 71 -6.07 31.62 17.62
CA ARG A 71 -5.51 32.93 17.34
C ARG A 71 -6.23 34.03 18.11
N ASP A 72 -7.54 33.87 18.33
N ASP A 72 -7.55 33.87 18.33
CA ASP A 72 -8.31 34.92 18.97
CA ASP A 72 -8.32 34.92 18.98
C ASP A 72 -8.07 34.98 20.48
C ASP A 72 -8.06 34.99 20.48
N ASN A 73 -7.84 33.84 21.13
CA ASN A 73 -7.74 33.83 22.59
C ASN A 73 -6.35 33.55 23.15
N TYR A 74 -5.36 33.22 22.34
CA TYR A 74 -4.14 32.67 22.93
C TYR A 74 -3.43 33.69 23.82
N ARG A 75 -3.49 34.97 23.48
CA ARG A 75 -2.81 35.98 24.30
C ARG A 75 -3.48 36.11 25.66
N GLU A 76 -4.79 36.34 25.69
CA GLU A 76 -5.46 36.49 26.97
C GLU A 76 -5.44 35.21 27.77
N LEU A 77 -5.42 34.05 27.10
CA LEU A 77 -5.47 32.78 27.81
C LEU A 77 -4.11 32.42 28.42
N LEU A 78 -3.04 32.57 27.64
CA LEU A 78 -1.74 32.01 28.03
C LEU A 78 -0.86 32.96 28.83
N VAL A 79 -0.92 34.27 28.60
CA VAL A 79 -0.02 35.18 29.32
C VAL A 79 -0.17 35.04 30.83
N PRO A 80 -1.37 35.10 31.42
CA PRO A 80 -1.45 34.92 32.88
C PRO A 80 -0.84 33.61 33.35
N LEU A 81 -1.00 32.53 32.59
CA LEU A 81 -0.46 31.25 32.99
C LEU A 81 1.07 31.23 32.93
N LEU A 82 1.65 31.84 31.89
CA LEU A 82 3.10 31.81 31.74
C LEU A 82 3.80 32.70 32.76
N THR A 83 3.12 33.77 33.20
CA THR A 83 3.73 34.76 34.08
C THR A 83 3.29 34.60 35.53
N ALA A 84 2.66 33.47 35.88
CA ALA A 84 2.11 33.32 37.22
C ALA A 84 3.19 33.31 38.30
N GLY A 85 4.45 33.09 37.92
CA GLY A 85 5.53 33.06 38.88
C GLY A 85 5.48 31.82 39.74
N PRO A 86 6.31 31.76 40.79
CA PRO A 86 7.23 32.83 41.19
C PRO A 86 8.44 32.98 40.28
N GLY A 87 8.82 31.91 39.59
CA GLY A 87 10.00 31.91 38.76
C GLY A 87 9.69 31.87 37.29
N GLN A 88 10.67 31.42 36.52
CA GLN A 88 10.50 31.26 35.08
C GLN A 88 9.63 30.06 34.77
N GLY A 89 8.60 30.26 33.94
CA GLY A 89 7.75 29.18 33.54
C GLY A 89 8.30 28.42 32.35
N PHE A 90 7.71 27.25 32.11
CA PHE A 90 8.05 26.42 30.95
C PHE A 90 6.77 26.07 30.23
N CYS A 91 6.68 26.45 28.96
CA CYS A 91 5.56 26.11 28.09
C CYS A 91 5.92 24.89 27.27
N VAL A 92 5.20 23.80 27.48
CA VAL A 92 5.43 22.53 26.81
C VAL A 92 4.29 22.33 25.82
N ASN A 93 4.56 22.61 24.55
CA ASN A 93 3.52 22.64 23.52
C ASN A 93 3.52 21.34 22.73
N LEU A 94 2.49 20.54 22.94
CA LEU A 94 2.33 19.22 22.33
C LEU A 94 0.95 19.11 21.71
N SER A 95 0.55 20.14 20.97
CA SER A 95 -0.80 20.27 20.48
C SER A 95 -0.86 20.11 18.97
N VAL A 96 -2.08 20.04 18.45
CA VAL A 96 -2.36 20.27 17.04
C VAL A 96 -3.16 21.57 16.94
N ASP A 97 -3.24 22.11 15.73
CA ASP A 97 -4.14 23.20 15.37
C ASP A 97 -3.73 24.55 15.96
N THR A 98 -2.54 24.66 16.54
CA THR A 98 -2.06 25.90 17.13
C THR A 98 -0.79 26.36 16.42
N SER A 99 -0.55 27.67 16.47
CA SER A 99 0.64 28.25 15.84
C SER A 99 1.83 28.15 16.78
N SER A 100 2.76 27.25 16.45
CA SER A 100 4.01 27.15 17.19
C SER A 100 4.73 28.50 17.23
N LEU A 101 4.76 29.20 16.10
CA LEU A 101 5.51 30.46 16.05
C LEU A 101 4.89 31.49 17.00
N ASP A 102 3.56 31.66 16.93
CA ASP A 102 2.92 32.69 17.74
C ASP A 102 3.03 32.38 19.23
N ILE A 103 2.88 31.11 19.61
CA ILE A 103 2.96 30.75 21.03
C ILE A 103 4.40 30.86 21.53
N MET A 104 5.37 30.45 20.71
CA MET A 104 6.78 30.61 21.05
C MET A 104 7.14 32.07 21.27
N GLU A 105 6.71 32.95 20.37
CA GLU A 105 7.02 34.37 20.51
C GLU A 105 6.35 34.96 21.74
N LEU A 106 5.13 34.49 22.06
CA LEU A 106 4.47 34.92 23.27
C LEU A 106 5.27 34.48 24.50
N ALA A 107 5.72 33.24 24.52
CA ALA A 107 6.50 32.74 25.66
C ALA A 107 7.77 33.56 25.84
N ARG A 108 8.51 33.80 24.75
CA ARG A 108 9.75 34.57 24.86
C ARG A 108 9.44 35.99 25.31
N GLU A 109 8.37 36.59 24.78
CA GLU A 109 7.98 37.93 25.19
C GLU A 109 7.78 38.02 26.69
N ASN A 110 7.36 36.94 27.33
CA ASN A 110 7.05 36.93 28.75
C ASN A 110 8.07 36.16 29.58
N GLY A 111 9.24 35.88 29.01
CA GLY A 111 10.31 35.28 29.77
C GLY A 111 10.15 33.81 30.08
N ALA A 112 9.23 33.11 29.41
CA ALA A 112 9.01 31.70 29.68
C ALA A 112 9.73 30.83 28.66
N LEU A 113 10.28 29.71 29.13
CA LEU A 113 10.91 28.76 28.23
C LEU A 113 9.86 28.07 27.37
N TYR A 114 10.27 27.59 26.21
CA TYR A 114 9.33 26.99 25.27
C TYR A 114 9.93 25.77 24.59
N ILE A 115 9.11 24.74 24.37
CA ILE A 115 9.50 23.58 23.58
C ILE A 115 8.28 23.04 22.84
N ASP A 116 8.50 22.58 21.60
CA ASP A 116 7.46 21.92 20.82
C ASP A 116 8.13 20.85 19.94
N THR A 117 7.31 20.10 19.21
CA THR A 117 7.79 18.99 18.40
C THR A 117 7.46 19.16 16.92
N VAL A 118 7.01 20.33 16.50
CA VAL A 118 6.54 20.56 15.15
C VAL A 118 6.33 22.06 15.00
N VAL A 119 6.54 22.59 13.80
CA VAL A 119 6.12 23.96 13.49
C VAL A 119 4.68 23.84 12.99
N GLU A 120 3.73 23.95 13.91
CA GLU A 120 2.33 23.82 13.57
C GLU A 120 1.74 25.20 13.24
N PRO A 121 0.81 25.27 12.26
CA PRO A 121 0.12 26.54 11.99
C PRO A 121 -1.21 26.61 12.71
N TRP A 122 -1.83 27.79 12.76
CA TRP A 122 -3.20 27.88 13.24
C TRP A 122 -4.12 27.05 12.35
N LEU A 123 -5.13 26.44 12.97
CA LEU A 123 -6.15 25.69 12.25
C LEU A 123 -6.61 26.40 10.98
N GLY A 124 -6.66 25.65 9.89
CA GLY A 124 -7.10 26.13 8.60
C GLY A 124 -6.00 26.16 7.55
N PHE A 125 -4.75 26.32 7.99
CA PHE A 125 -3.62 26.44 7.07
C PHE A 125 -3.47 25.22 6.18
N TYR A 126 -3.50 24.02 6.79
CA TYR A 126 -3.12 22.82 6.05
C TYR A 126 -4.04 22.58 4.85
N PHE A 127 -5.32 22.93 4.95
CA PHE A 127 -6.28 22.66 3.89
C PHE A 127 -6.82 23.94 3.26
N ASP A 128 -6.11 25.05 3.39
CA ASP A 128 -6.52 26.32 2.82
C ASP A 128 -6.40 26.28 1.30
N PRO A 129 -7.49 26.32 0.55
CA PRO A 129 -7.38 26.12 -0.91
C PRO A 129 -6.74 27.29 -1.64
N ASP A 130 -6.60 28.45 -1.01
CA ASP A 130 -5.98 29.60 -1.65
C ASP A 130 -4.47 29.67 -1.46
N LEU A 131 -3.89 28.74 -0.71
CA LEU A 131 -2.44 28.70 -0.56
C LEU A 131 -1.80 27.94 -1.71
N LYS A 132 -0.72 28.49 -2.25
CA LYS A 132 0.09 27.77 -3.22
C LYS A 132 0.80 26.60 -2.53
N PRO A 133 1.06 25.51 -3.27
CA PRO A 133 1.79 24.39 -2.66
C PRO A 133 3.06 24.82 -1.95
N GLU A 134 3.85 25.71 -2.55
CA GLU A 134 5.06 26.18 -1.89
C GLU A 134 4.75 26.74 -0.51
N ALA A 135 3.62 27.44 -0.38
CA ALA A 135 3.28 28.05 0.90
C ALA A 135 2.84 27.04 1.95
N ARG A 136 2.39 25.85 1.53
N ARG A 136 2.39 25.85 1.53
CA ARG A 136 2.00 24.82 2.47
CA ARG A 136 2.00 24.82 2.48
C ARG A 136 3.16 23.93 2.89
C ARG A 136 3.17 23.92 2.87
N SER A 137 4.38 24.25 2.47
CA SER A 137 5.52 23.39 2.76
C SER A 137 6.05 23.63 4.17
N ASN A 138 6.70 22.60 4.71
CA ASN A 138 7.39 22.76 5.98
C ASN A 138 8.60 23.68 5.84
N TYR A 139 9.17 23.75 4.64
CA TYR A 139 10.22 24.73 4.38
C TYR A 139 9.72 26.14 4.71
N ALA A 140 8.52 26.48 4.23
CA ALA A 140 7.98 27.81 4.46
C ALA A 140 7.68 28.05 5.94
N LEU A 141 7.10 27.06 6.62
CA LEU A 141 6.82 27.20 8.04
C LEU A 141 8.12 27.36 8.83
N ARG A 142 9.15 26.60 8.48
CA ARG A 142 10.43 26.74 9.16
C ARG A 142 11.01 28.13 8.92
N GLU A 143 10.89 28.65 7.69
CA GLU A 143 11.40 29.98 7.42
C GLU A 143 10.74 31.04 8.31
N THR A 144 9.49 30.82 8.76
CA THR A 144 8.92 31.80 9.68
C THR A 144 9.67 31.79 11.01
N VAL A 145 10.14 30.61 11.45
CA VAL A 145 10.91 30.53 12.68
C VAL A 145 12.30 31.14 12.50
N LEU A 146 12.97 30.84 11.39
CA LEU A 146 14.28 31.44 11.14
C LEU A 146 14.20 32.97 11.10
N ALA A 147 13.13 33.50 10.48
CA ALA A 147 12.99 34.96 10.44
C ALA A 147 12.78 35.52 11.83
N ALA A 148 11.97 34.86 12.66
CA ALA A 148 11.79 35.28 14.04
C ALA A 148 13.13 35.34 14.77
N ARG A 149 14.00 34.36 14.51
CA ARG A 149 15.30 34.35 15.18
C ARG A 149 16.17 35.50 14.71
N ARG A 150 16.14 35.80 13.40
CA ARG A 150 16.88 36.95 12.90
C ARG A 150 16.32 38.25 13.49
N ASN A 151 15.01 38.30 13.70
CA ASN A 151 14.35 39.53 14.14
C ASN A 151 14.67 39.82 15.61
N LYS A 152 14.79 38.77 16.43
CA LYS A 152 15.04 38.93 17.86
C LYS A 152 16.09 37.92 18.31
N PRO A 153 17.37 38.18 18.00
CA PRO A 153 18.42 37.23 18.36
C PRO A 153 18.56 37.08 19.87
N GLY A 154 19.04 35.91 20.29
CA GLY A 154 19.24 35.67 21.70
C GLY A 154 17.93 35.73 22.46
N GLY A 155 18.06 35.95 23.76
CA GLY A 155 16.90 35.98 24.62
C GLY A 155 16.54 34.62 25.17
N THR A 156 15.34 34.57 25.75
CA THR A 156 14.86 33.34 26.37
C THR A 156 14.85 32.18 25.38
N THR A 157 15.24 31.01 25.87
CA THR A 157 15.37 29.83 25.01
C THR A 157 14.01 29.31 24.62
N ALA A 158 13.83 29.06 23.32
CA ALA A 158 12.66 28.38 22.79
C ALA A 158 13.18 27.27 21.88
N VAL A 159 12.80 26.03 22.16
CA VAL A 159 13.30 24.88 21.42
C VAL A 159 12.24 24.48 20.40
N SER A 160 12.56 24.60 19.12
CA SER A 160 11.64 24.26 18.04
C SER A 160 11.91 22.85 17.53
N CYS A 161 10.85 22.03 17.47
CA CYS A 161 10.87 20.72 16.83
C CYS A 161 11.85 19.77 17.51
N CYS A 162 11.56 19.51 18.78
CA CYS A 162 12.40 18.61 19.58
C CYS A 162 11.63 17.39 20.04
N GLY A 163 11.17 16.57 19.09
CA GLY A 163 10.60 15.27 19.37
C GLY A 163 11.53 14.15 18.94
N ALA A 164 10.99 13.01 18.49
CA ALA A 164 11.85 11.94 17.99
C ALA A 164 12.39 12.26 16.61
N ASN A 165 11.52 12.75 15.72
CA ASN A 165 11.91 13.15 14.38
C ASN A 165 10.83 14.09 13.84
N PRO A 166 11.07 15.41 13.76
CA PRO A 166 12.33 16.10 14.10
C PRO A 166 12.67 16.02 15.58
N GLY A 167 13.96 16.17 15.88
CA GLY A 167 14.46 16.19 17.23
C GLY A 167 15.66 15.29 17.40
N MET A 168 15.43 14.18 18.11
CA MET A 168 16.44 13.17 18.36
C MET A 168 17.32 12.85 17.16
N VAL A 169 16.71 12.70 15.97
CA VAL A 169 17.49 12.25 14.82
C VAL A 169 18.59 13.24 14.48
N SER A 170 18.42 14.52 14.79
CA SER A 170 19.53 15.47 14.61
C SER A 170 20.73 15.05 15.47
N TRP A 171 20.48 14.60 16.70
CA TRP A 171 21.57 14.13 17.56
C TRP A 171 22.17 12.84 17.00
N PHE A 172 21.32 11.95 16.48
CA PHE A 172 21.80 10.73 15.85
C PHE A 172 22.73 11.04 14.68
N VAL A 173 22.42 12.09 13.91
CA VAL A 173 23.27 12.42 12.77
C VAL A 173 24.67 12.82 13.23
N LYS A 174 24.76 13.60 14.31
CA LYS A 174 26.07 14.00 14.82
C LYS A 174 26.86 12.80 15.31
N GLN A 175 26.21 11.92 16.09
CA GLN A 175 26.90 10.71 16.55
C GLN A 175 27.30 9.82 15.37
N ALA A 176 26.41 9.67 14.38
CA ALA A 176 26.74 8.86 13.22
C ALA A 176 27.93 9.45 12.46
N LEU A 177 27.99 10.77 12.34
CA LEU A 177 29.15 11.38 11.69
C LEU A 177 30.43 11.07 12.46
N VAL A 178 30.36 11.13 13.79
CA VAL A 178 31.53 10.83 14.61
C VAL A 178 31.96 9.37 14.42
N ASN A 179 31.00 8.44 14.44
CA ASN A 179 31.34 7.04 14.25
C ASN A 179 31.93 6.80 12.86
N LEU A 180 31.36 7.44 11.84
CA LEU A 180 31.84 7.23 10.48
C LEU A 180 33.27 7.72 10.32
N ALA A 181 33.59 8.88 10.90
CA ALA A 181 34.95 9.39 10.85
C ALA A 181 35.93 8.42 11.47
N ALA A 182 35.57 7.81 12.60
CA ALA A 182 36.44 6.83 13.22
C ALA A 182 36.61 5.61 12.31
N ASP A 183 35.50 5.12 11.74
CA ASP A 183 35.57 3.90 10.94
C ASP A 183 36.25 4.12 9.61
N LEU A 184 36.16 5.34 9.06
CA LEU A 184 36.82 5.68 7.81
C LEU A 184 38.22 6.25 8.00
N GLY A 185 38.71 6.30 9.24
CA GLY A 185 40.05 6.80 9.49
C GLY A 185 40.23 8.27 9.22
N VAL A 186 39.15 9.04 9.18
CA VAL A 186 39.25 10.49 9.02
C VAL A 186 39.71 11.08 10.35
N THR A 187 40.81 11.82 10.31
CA THR A 187 41.39 12.38 11.53
C THR A 187 40.89 13.81 11.74
N GLY A 188 40.98 14.26 12.98
CA GLY A 188 40.60 15.61 13.34
C GLY A 188 39.84 15.61 14.65
N GLU A 189 39.73 16.79 15.24
CA GLU A 189 38.98 16.96 16.48
C GLU A 189 37.48 16.95 16.18
N GLU A 190 36.71 16.53 17.18
CA GLU A 190 35.27 16.53 17.04
C GLU A 190 34.78 17.94 16.73
N PRO A 191 33.89 18.12 15.75
CA PRO A 191 33.35 19.47 15.49
C PRO A 191 32.68 20.05 16.72
N THR A 192 32.75 21.37 16.83
CA THR A 192 32.10 22.12 17.90
C THR A 192 31.30 23.28 17.38
N THR A 193 31.27 23.51 16.07
CA THR A 193 30.50 24.56 15.44
C THR A 193 29.79 23.97 14.24
N ARG A 194 28.70 24.62 13.82
CA ARG A 194 27.96 24.18 12.65
C ARG A 194 28.86 24.08 11.43
N GLU A 195 29.69 25.10 11.19
CA GLU A 195 30.60 25.05 10.05
C GLU A 195 31.46 23.79 10.09
N GLU A 196 31.96 23.44 11.29
CA GLU A 196 32.82 22.26 11.42
C GLU A 196 32.03 20.98 11.19
N TRP A 197 30.78 20.91 11.65
CA TRP A 197 29.95 19.74 11.36
C TRP A 197 29.72 19.60 9.87
N ALA A 198 29.30 20.68 9.21
CA ALA A 198 29.09 20.63 7.77
C ALA A 198 30.34 20.16 7.04
N ARG A 199 31.51 20.68 7.43
CA ARG A 199 32.73 20.29 6.71
C ARG A 199 33.09 18.84 6.96
N LEU A 200 32.76 18.29 8.14
CA LEU A 200 32.99 16.87 8.38
C LEU A 200 32.13 16.02 7.46
N ALA A 201 30.84 16.36 7.33
CA ALA A 201 29.97 15.61 6.42
C ALA A 201 30.52 15.67 5.00
N MET A 202 30.97 16.85 4.57
N MET A 202 30.97 16.84 4.56
CA MET A 202 31.57 16.98 3.25
CA MET A 202 31.57 16.96 3.24
C MET A 202 32.82 16.10 3.12
C MET A 202 32.82 16.09 3.13
N ASP A 203 33.70 16.15 4.14
CA ASP A 203 34.94 15.40 4.07
C ASP A 203 34.72 13.89 4.13
N LEU A 204 33.67 13.45 4.81
CA LEU A 204 33.33 12.03 4.83
C LEU A 204 32.66 11.58 3.54
N GLY A 205 32.22 12.51 2.70
CA GLY A 205 31.55 12.12 1.47
C GLY A 205 30.12 11.67 1.65
N VAL A 206 29.42 12.20 2.65
CA VAL A 206 28.02 11.83 2.86
C VAL A 206 27.19 12.50 1.78
N LYS A 207 26.71 11.72 0.82
CA LYS A 207 25.89 12.28 -0.24
C LYS A 207 24.49 12.62 0.24
N GLY A 208 23.95 11.84 1.18
CA GLY A 208 22.61 12.11 1.64
C GLY A 208 22.29 11.29 2.87
N ILE A 209 21.10 11.56 3.40
CA ILE A 209 20.64 11.00 4.66
C ILE A 209 19.17 10.67 4.54
N HIS A 210 18.81 9.44 4.87
CA HIS A 210 17.41 9.10 5.07
C HIS A 210 17.10 9.10 6.56
N ILE A 211 15.99 9.71 6.95
CA ILE A 211 15.37 9.40 8.24
C ILE A 211 14.65 8.07 8.01
N ALA A 212 15.32 6.97 8.34
CA ALA A 212 14.91 5.63 7.93
C ALA A 212 14.23 4.96 9.12
N GLU A 213 12.92 4.81 9.04
CA GLU A 213 12.11 4.33 10.16
C GLU A 213 11.22 3.19 9.74
N ARG A 214 11.09 2.20 10.63
CA ARG A 214 10.21 1.04 10.44
C ARG A 214 9.52 0.75 11.76
N ASP A 215 8.21 0.99 11.81
CA ASP A 215 7.37 0.73 12.97
C ASP A 215 6.75 -0.65 12.79
N THR A 216 7.07 -1.59 13.68
CA THR A 216 6.53 -2.94 13.57
C THR A 216 5.53 -3.26 14.68
N GLN A 217 5.08 -2.26 15.42
CA GLN A 217 4.05 -2.48 16.43
C GLN A 217 2.76 -2.94 15.76
N ARG A 218 2.14 -3.96 16.35
CA ARG A 218 0.87 -4.45 15.82
C ARG A 218 -0.13 -4.65 16.95
N ALA A 219 -1.39 -4.54 16.59
CA ALA A 219 -2.48 -4.49 17.55
C ALA A 219 -3.06 -5.88 17.78
N SER A 220 -3.74 -6.01 18.92
CA SER A 220 -4.44 -7.24 19.26
C SER A 220 -5.73 -7.42 18.46
N PHE A 221 -6.14 -6.43 17.68
CA PHE A 221 -7.33 -6.54 16.86
C PHE A 221 -7.01 -6.19 15.41
N PRO A 222 -7.73 -6.78 14.45
CA PRO A 222 -7.48 -6.46 13.04
C PRO A 222 -7.98 -5.06 12.70
N LYS A 223 -7.36 -4.48 11.68
CA LYS A 223 -7.66 -3.09 11.34
C LYS A 223 -9.14 -2.95 11.00
N PRO A 224 -9.86 -2.04 11.64
CA PRO A 224 -11.29 -1.88 11.30
C PRO A 224 -11.47 -1.11 10.00
N PHE A 225 -12.47 -1.52 9.23
CA PHE A 225 -12.81 -0.79 8.01
C PHE A 225 -13.21 0.63 8.34
N ASP A 226 -12.73 1.58 7.52
CA ASP A 226 -13.08 3.01 7.63
C ASP A 226 -12.66 3.60 8.97
N VAL A 227 -11.51 3.14 9.48
CA VAL A 227 -10.87 3.70 10.66
C VAL A 227 -9.39 3.85 10.36
N PHE A 228 -8.86 5.07 10.51
CA PHE A 228 -7.42 5.29 10.38
C PHE A 228 -6.75 4.93 11.70
N VAL A 229 -5.74 4.05 11.64
CA VAL A 229 -5.04 3.57 12.82
C VAL A 229 -3.57 3.97 12.71
N ASN A 230 -3.01 4.42 13.83
CA ASN A 230 -1.60 4.81 13.88
C ASN A 230 -1.13 4.67 15.33
N THR A 231 0.18 4.82 15.52
CA THR A 231 0.79 4.74 16.84
C THR A 231 1.05 6.10 17.47
N ALA A 232 0.90 7.17 16.71
CA ALA A 232 0.90 8.53 17.25
C ALA A 232 -0.18 9.31 16.49
N SER A 233 -0.23 10.61 16.75
CA SER A 233 -1.26 11.48 16.20
C SER A 233 -1.71 11.07 14.79
N VAL A 234 -3.00 10.75 14.67
CA VAL A 234 -3.56 10.56 13.33
C VAL A 234 -3.77 11.91 12.64
N GLU A 235 -4.29 12.90 13.37
CA GLU A 235 -4.51 14.22 12.76
C GLU A 235 -3.20 14.82 12.26
N GLY A 236 -2.14 14.72 13.06
CA GLY A 236 -0.87 15.29 12.66
C GLY A 236 -0.22 14.53 11.52
N PHE A 237 -0.32 13.20 11.53
CA PHE A 237 0.26 12.41 10.45
C PHE A 237 -0.47 12.64 9.13
N VAL A 238 -1.80 12.70 9.18
CA VAL A 238 -2.57 12.96 7.96
C VAL A 238 -2.27 14.35 7.42
N SER A 239 -2.21 15.35 8.30
CA SER A 239 -1.86 16.69 7.87
C SER A 239 -0.50 16.72 7.18
N GLU A 240 0.53 16.17 7.81
CA GLU A 240 1.83 16.22 7.15
C GLU A 240 1.84 15.33 5.92
N GLY A 241 1.09 14.23 5.93
CA GLY A 241 1.04 13.36 4.76
C GLY A 241 0.38 13.98 3.55
N LEU A 242 -0.51 14.95 3.76
CA LEU A 242 -1.16 15.63 2.64
C LEU A 242 -0.44 16.90 2.23
N GLN A 243 0.58 17.33 2.98
CA GLN A 243 1.46 18.37 2.50
C GLN A 243 2.30 17.82 1.35
N PRO A 244 2.90 18.71 0.56
CA PRO A 244 3.78 18.23 -0.52
C PRO A 244 4.88 17.36 0.04
N ALA A 245 5.25 16.31 -0.72
CA ALA A 245 6.50 15.61 -0.48
C ALA A 245 7.64 16.62 -0.50
N GLU A 246 8.57 16.49 0.43
CA GLU A 246 9.54 17.54 0.64
C GLU A 246 10.88 16.93 1.07
N LEU A 247 11.96 17.52 0.60
CA LEU A 247 13.27 17.01 0.97
C LEU A 247 14.31 18.11 0.95
N GLY A 248 15.32 17.94 1.80
CA GLY A 248 16.56 18.67 1.63
C GLY A 248 17.29 18.13 0.43
N TRP A 249 17.79 19.04 -0.42
CA TRP A 249 18.26 18.69 -1.74
C TRP A 249 19.77 18.79 -1.81
N GLY A 250 20.42 17.65 -2.01
CA GLY A 250 21.87 17.60 -1.93
C GLY A 250 22.55 18.08 -3.20
N THR A 251 23.78 18.57 -3.03
CA THR A 251 24.53 19.05 -4.17
C THR A 251 24.92 17.92 -5.13
N PHE A 252 24.93 16.67 -4.68
CA PHE A 252 25.33 15.58 -5.57
C PHE A 252 24.22 15.16 -6.53
N GLU A 253 22.99 15.60 -6.32
CA GLU A 253 21.87 15.13 -7.13
C GLU A 253 21.97 15.68 -8.54
N ARG A 254 21.77 14.81 -9.53
CA ARG A 254 21.87 15.18 -10.93
C ARG A 254 20.52 15.30 -11.61
N TRP A 255 19.43 15.02 -10.90
CA TRP A 255 18.13 14.87 -11.52
C TRP A 255 17.05 15.13 -10.47
N MET A 256 15.99 15.81 -10.89
CA MET A 256 14.78 15.93 -10.09
C MET A 256 13.60 15.70 -11.00
N PRO A 257 12.49 15.20 -10.47
CA PRO A 257 11.32 14.93 -11.32
C PRO A 257 10.73 16.21 -11.88
N ASP A 258 9.91 16.03 -12.92
CA ASP A 258 9.31 17.18 -13.59
C ASP A 258 8.46 18.01 -12.65
N ASN A 259 7.83 17.40 -11.65
CA ASN A 259 6.94 18.10 -10.75
C ASN A 259 7.64 18.51 -9.45
N ALA A 260 8.97 18.56 -9.46
CA ALA A 260 9.73 19.13 -8.36
C ALA A 260 9.86 20.64 -8.54
N ARG A 261 9.93 21.35 -7.42
CA ARG A 261 10.02 22.80 -7.42
C ARG A 261 10.93 23.25 -6.29
N GLY A 262 11.55 24.40 -6.48
CA GLY A 262 12.40 25.01 -5.49
C GLY A 262 11.75 26.19 -4.82
N HIS A 263 12.55 26.92 -4.06
CA HIS A 263 12.09 28.09 -3.34
C HIS A 263 12.89 29.31 -3.78
N ASP A 264 12.20 30.44 -3.94
CA ASP A 264 12.84 31.67 -4.36
C ASP A 264 13.64 32.33 -3.25
N SER A 265 13.36 32.00 -1.99
CA SER A 265 14.03 32.64 -0.87
C SER A 265 14.24 31.62 0.24
N GLY A 266 14.81 32.09 1.36
CA GLY A 266 15.08 31.24 2.49
C GLY A 266 16.47 30.63 2.44
N CYS A 267 16.66 29.63 3.31
CA CYS A 267 17.98 29.01 3.44
C CYS A 267 18.43 28.31 2.16
N GLY A 268 17.50 27.95 1.27
CA GLY A 268 17.85 27.36 -0.01
C GLY A 268 18.15 25.88 -0.01
N ALA A 269 17.77 25.15 1.04
CA ALA A 269 18.22 23.78 1.20
C ALA A 269 17.22 22.73 0.73
N GLY A 270 16.04 23.12 0.25
CA GLY A 270 14.97 22.17 0.04
C GLY A 270 14.33 22.27 -1.33
N ILE A 271 13.69 21.17 -1.72
CA ILE A 271 12.74 21.15 -2.81
C ILE A 271 11.47 20.48 -2.31
N TYR A 272 10.40 20.60 -3.09
CA TYR A 272 9.16 19.91 -2.81
C TYR A 272 8.60 19.38 -4.13
N LEU A 273 7.74 18.38 -4.01
CA LEU A 273 7.08 17.80 -5.16
C LEU A 273 5.59 18.14 -5.10
N LEU A 274 4.99 18.35 -6.27
CA LEU A 274 3.58 18.68 -6.35
C LEU A 274 2.71 17.42 -6.24
N GLN A 275 2.91 16.70 -5.13
CA GLN A 275 2.12 15.52 -4.81
C GLN A 275 2.19 15.30 -3.30
N PRO A 276 1.19 14.63 -2.73
CA PRO A 276 1.20 14.41 -1.26
C PRO A 276 2.29 13.42 -0.86
N GLY A 277 3.00 13.77 0.23
CA GLY A 277 4.12 12.98 0.66
C GLY A 277 3.77 11.59 1.13
N ALA A 278 2.61 11.45 1.78
CA ALA A 278 2.21 10.12 2.24
C ALA A 278 1.70 9.22 1.12
N ASN A 279 1.62 9.71 -0.13
CA ASN A 279 1.35 8.86 -1.30
C ASN A 279 2.56 8.88 -2.24
N THR A 280 3.74 9.13 -1.68
CA THR A 280 5.00 9.14 -2.42
C THR A 280 5.92 8.11 -1.79
N ARG A 281 6.40 7.16 -2.58
CA ARG A 281 7.22 6.08 -2.05
C ARG A 281 8.68 6.27 -2.49
N VAL A 282 9.58 5.83 -1.60
CA VAL A 282 11.02 5.90 -1.83
C VAL A 282 11.61 4.57 -1.39
N ARG A 283 12.68 4.15 -2.09
CA ARG A 283 13.41 2.93 -1.71
C ARG A 283 14.38 3.25 -0.59
N SER A 284 14.32 2.47 0.48
CA SER A 284 15.17 2.74 1.64
C SER A 284 15.45 1.42 2.36
N TRP A 285 15.96 1.51 3.59
CA TRP A 285 16.53 0.36 4.27
C TRP A 285 16.63 0.67 5.75
N THR A 286 16.32 -0.32 6.57
CA THR A 286 16.61 -0.27 8.00
C THR A 286 17.11 -1.64 8.41
N PRO A 287 17.76 -1.74 9.58
CA PRO A 287 18.29 -3.06 9.99
C PRO A 287 17.25 -4.15 10.08
N THR A 288 16.08 -3.86 10.66
CA THR A 288 15.08 -4.90 10.84
C THR A 288 14.25 -5.13 9.59
N ALA A 289 13.98 -4.08 8.82
CA ALA A 289 13.19 -4.22 7.61
C ALA A 289 14.00 -4.70 6.41
N MET A 290 15.31 -4.49 6.42
N MET A 290 15.30 -4.48 6.40
CA MET A 290 16.11 -4.66 5.20
CA MET A 290 16.10 -4.68 5.19
C MET A 290 15.53 -3.70 4.16
C MET A 290 15.54 -3.69 4.16
N ALA A 291 15.62 -4.01 2.87
CA ALA A 291 15.08 -3.12 1.85
C ALA A 291 13.58 -2.97 2.05
N GLN A 292 13.09 -1.74 1.99
CA GLN A 292 11.68 -1.48 2.17
C GLN A 292 11.29 -0.22 1.42
N TYR A 293 9.98 -0.06 1.20
CA TYR A 293 9.44 1.23 0.81
C TYR A 293 9.28 2.12 2.04
N GLY A 294 9.63 3.38 1.90
CA GLY A 294 9.19 4.38 2.85
C GLY A 294 8.31 5.40 2.15
N PHE A 295 7.54 6.16 2.92
CA PHE A 295 6.77 7.27 2.36
C PHE A 295 7.58 8.55 2.55
N LEU A 296 7.57 9.39 1.53
CA LEU A 296 8.34 10.63 1.52
C LEU A 296 7.55 11.76 2.17
N VAL A 297 7.27 11.59 3.45
CA VAL A 297 6.45 12.55 4.18
C VAL A 297 7.31 13.75 4.59
N THR A 298 6.80 14.96 4.36
CA THR A 298 7.57 16.14 4.73
C THR A 298 7.77 16.21 6.24
N HIS A 299 8.96 16.66 6.65
CA HIS A 299 9.37 16.76 8.04
C HIS A 299 10.34 17.92 8.16
N ASN A 300 10.31 18.62 9.30
CA ASN A 300 11.18 19.77 9.50
C ASN A 300 12.66 19.39 9.39
N GLU A 301 13.03 18.20 9.88
CA GLU A 301 14.45 17.84 9.91
C GLU A 301 15.02 17.57 8.53
N SER A 302 14.17 17.19 7.57
CA SER A 302 14.65 17.04 6.20
C SER A 302 15.29 18.34 5.72
N ILE A 303 14.69 19.47 6.06
CA ILE A 303 15.27 20.77 5.73
C ILE A 303 16.36 21.13 6.73
N SER A 304 16.07 21.02 8.04
CA SER A 304 16.99 21.57 9.02
C SER A 304 18.34 20.86 8.98
N ILE A 305 18.35 19.54 8.77
CA ILE A 305 19.61 18.81 8.77
C ILE A 305 20.43 19.15 7.53
N ALA A 306 19.78 19.23 6.37
CA ALA A 306 20.48 19.63 5.14
C ALA A 306 21.02 21.04 5.26
N ASP A 307 20.23 21.96 5.83
CA ASP A 307 20.68 23.33 6.06
C ASP A 307 21.88 23.35 7.00
N PHE A 308 21.79 22.61 8.11
CA PHE A 308 22.86 22.59 9.10
C PHE A 308 24.17 22.09 8.50
N LEU A 309 24.09 21.12 7.59
CA LEU A 309 25.30 20.51 7.05
C LEU A 309 25.70 21.13 5.71
N THR A 310 25.26 22.35 5.44
CA THR A 310 25.62 23.05 4.21
C THR A 310 26.96 23.74 4.40
N VAL A 311 27.84 23.58 3.42
CA VAL A 311 29.10 24.31 3.33
C VAL A 311 28.96 25.34 2.21
N ARG A 312 29.35 26.58 2.49
CA ARG A 312 29.28 27.65 1.51
C ARG A 312 30.68 28.19 1.24
N ASP A 313 30.87 28.73 0.04
CA ASP A 313 32.08 29.45 -0.30
C ASP A 313 31.93 30.92 0.11
N ALA A 314 32.98 31.71 -0.15
CA ALA A 314 33.01 33.10 0.28
C ALA A 314 31.81 33.88 -0.25
N ALA A 315 31.44 33.65 -1.52
CA ALA A 315 30.30 34.35 -2.10
C ALA A 315 28.97 33.92 -1.47
N GLY A 316 28.97 32.90 -0.62
CA GLY A 316 27.76 32.45 0.01
C GLY A 316 26.97 31.40 -0.73
N GLN A 317 27.46 30.91 -1.86
CA GLN A 317 26.79 29.84 -2.58
C GLN A 317 27.14 28.49 -1.96
N ALA A 318 26.18 27.59 -1.99
CA ALA A 318 26.35 26.27 -1.38
C ALA A 318 27.23 25.40 -2.26
N VAL A 319 28.33 24.89 -1.68
CA VAL A 319 29.23 24.02 -2.42
C VAL A 319 29.04 22.57 -1.98
N TYR A 320 28.58 22.36 -0.75
CA TYR A 320 28.19 21.03 -0.31
C TYR A 320 26.93 21.09 0.53
N ARG A 321 26.07 20.09 0.35
CA ARG A 321 24.85 19.91 1.12
C ARG A 321 24.37 18.48 0.90
N PRO A 322 23.99 17.76 1.95
CA PRO A 322 23.43 16.42 1.74
C PRO A 322 21.96 16.48 1.36
N THR A 323 21.52 15.50 0.59
CA THR A 323 20.11 15.19 0.52
C THR A 323 19.65 14.66 1.87
N CYS A 324 18.46 15.06 2.30
CA CYS A 324 17.92 14.56 3.55
C CYS A 324 16.41 14.48 3.45
N HIS A 325 15.85 13.32 3.72
CA HIS A 325 14.40 13.25 3.79
C HIS A 325 13.94 12.02 4.55
N TYR A 326 12.66 12.06 4.92
CA TYR A 326 11.99 10.97 5.59
C TYR A 326 11.80 9.81 4.62
N ALA A 327 11.94 8.61 5.14
CA ALA A 327 11.70 7.36 4.41
C ALA A 327 10.95 6.48 5.42
N TYR A 328 9.65 6.73 5.54
CA TYR A 328 8.86 6.25 6.67
C TYR A 328 8.01 5.05 6.29
N HIS A 329 8.29 3.90 6.93
CA HIS A 329 7.39 2.75 6.89
C HIS A 329 6.66 2.70 8.22
N PRO A 330 5.42 3.18 8.31
CA PRO A 330 4.69 3.13 9.58
C PRO A 330 4.21 1.73 9.90
N CYS A 331 3.49 1.55 11.01
CA CYS A 331 2.97 0.24 11.36
C CYS A 331 2.04 -0.28 10.27
N ASN A 332 1.88 -1.60 10.24
CA ASN A 332 1.08 -2.23 9.20
C ASN A 332 -0.31 -1.61 9.12
N ASP A 333 -0.95 -1.38 10.26
CA ASP A 333 -2.30 -0.81 10.23
C ASP A 333 -2.31 0.60 9.64
N ALA A 334 -1.23 1.36 9.86
CA ALA A 334 -1.12 2.68 9.24
C ALA A 334 -0.90 2.56 7.74
N VAL A 335 -0.10 1.58 7.31
CA VAL A 335 0.08 1.36 5.88
C VAL A 335 -1.26 1.08 5.23
N LEU A 336 -2.08 0.24 5.86
CA LEU A 336 -3.41 -0.04 5.33
C LEU A 336 -4.29 1.20 5.38
N SER A 337 -4.13 2.02 6.43
CA SER A 337 -4.93 3.23 6.57
C SER A 337 -4.64 4.21 5.45
N LEU A 338 -3.38 4.30 5.02
CA LEU A 338 -3.03 5.19 3.93
C LEU A 338 -3.64 4.70 2.62
N HIS A 339 -3.50 3.40 2.32
CA HIS A 339 -4.08 2.82 1.11
C HIS A 339 -5.58 3.06 1.07
N GLU A 340 -6.25 2.94 2.22
CA GLU A 340 -7.67 3.20 2.33
C GLU A 340 -7.99 4.67 2.11
N MET A 341 -7.25 5.57 2.76
CA MET A 341 -7.56 6.99 2.65
C MET A 341 -7.32 7.49 1.23
N PHE A 342 -6.15 7.22 0.67
CA PHE A 342 -5.87 7.72 -0.67
C PHE A 342 -6.73 7.02 -1.72
N GLY A 343 -7.07 5.75 -1.48
CA GLY A 343 -7.94 5.04 -2.41
C GLY A 343 -9.37 5.56 -2.40
N SER A 344 -9.83 6.05 -1.25
CA SER A 344 -11.17 6.62 -1.19
C SER A 344 -11.17 8.11 -1.49
N GLY A 345 -10.03 8.78 -1.40
CA GLY A 345 -9.95 10.21 -1.65
C GLY A 345 -10.34 11.09 -0.49
N LYS A 346 -10.59 10.54 0.69
CA LYS A 346 -10.96 11.36 1.83
C LYS A 346 -10.63 10.62 3.11
N ARG A 347 -10.49 11.40 4.19
CA ARG A 347 -10.21 10.82 5.49
C ARG A 347 -11.29 9.86 5.92
N GLN A 348 -10.88 8.79 6.59
CA GLN A 348 -11.81 7.86 7.21
C GLN A 348 -12.72 8.59 8.20
N SER A 349 -13.89 7.99 8.45
N SER A 349 -13.89 7.99 8.46
CA SER A 349 -14.87 8.59 9.34
CA SER A 349 -14.86 8.61 9.34
C SER A 349 -14.40 8.63 10.79
C SER A 349 -14.42 8.61 10.80
N ASP A 350 -13.48 7.74 11.18
CA ASP A 350 -13.02 7.63 12.55
C ASP A 350 -11.54 7.32 12.54
N TRP A 351 -10.91 7.48 13.71
CA TRP A 351 -9.50 7.13 13.84
C TRP A 351 -9.21 6.70 15.26
N ARG A 352 -8.10 5.99 15.44
CA ARG A 352 -7.64 5.66 16.77
C ARG A 352 -6.13 5.52 16.79
N ILE A 353 -5.56 5.89 17.92
CA ILE A 353 -4.14 5.70 18.22
C ILE A 353 -4.03 4.46 19.08
N LEU A 354 -3.13 3.55 18.69
CA LEU A 354 -2.94 2.31 19.43
C LEU A 354 -2.37 2.58 20.81
N ASP A 355 -3.07 2.09 21.84
CA ASP A 355 -2.63 2.14 23.22
C ASP A 355 -1.65 1.00 23.50
N GLU A 356 -0.77 1.22 24.49
CA GLU A 356 0.16 0.15 24.83
C GLU A 356 -0.57 -1.14 25.21
N THR A 357 -1.77 -1.03 25.79
CA THR A 357 -2.53 -2.22 26.15
C THR A 357 -3.04 -2.98 24.94
N GLU A 358 -3.05 -2.36 23.76
CA GLU A 358 -3.56 -2.97 22.54
C GLU A 358 -2.45 -3.52 21.65
N ILE A 359 -1.19 -3.24 21.99
CA ILE A 359 -0.06 -3.63 21.15
C ILE A 359 0.48 -4.95 21.69
N VAL A 360 0.53 -5.96 20.83
CA VAL A 360 0.98 -7.28 21.26
C VAL A 360 2.49 -7.44 21.15
N ASP A 361 3.13 -6.77 20.21
CA ASP A 361 4.58 -6.84 20.06
C ASP A 361 5.02 -5.76 19.08
N GLY A 362 6.33 -5.68 18.86
CA GLY A 362 6.90 -4.83 17.85
C GLY A 362 7.80 -3.76 18.42
N ILE A 363 8.43 -3.02 17.49
CA ILE A 363 9.38 -1.97 17.84
C ILE A 363 9.10 -0.74 16.99
N ASP A 364 9.68 0.39 17.40
CA ASP A 364 9.76 1.56 16.54
C ASP A 364 11.24 1.76 16.23
N GLU A 365 11.68 1.21 15.10
CA GLU A 365 13.06 1.29 14.66
C GLU A 365 13.24 2.62 13.93
N LEU A 366 13.93 3.56 14.57
CA LEU A 366 14.02 4.93 14.09
C LEU A 366 15.49 5.35 14.12
N GLY A 367 16.03 5.66 12.95
CA GLY A 367 17.43 6.00 12.86
C GLY A 367 17.69 6.83 11.63
N VAL A 368 18.97 7.15 11.45
CA VAL A 368 19.43 7.92 10.30
C VAL A 368 20.31 7.03 9.44
N LEU A 369 20.09 7.07 8.14
CA LEU A 369 20.85 6.28 7.17
C LEU A 369 21.72 7.25 6.36
N LEU A 370 23.01 7.26 6.68
CA LEU A 370 23.99 8.09 5.97
C LEU A 370 24.58 7.27 4.83
N TYR A 371 24.53 7.80 3.62
CA TYR A 371 24.96 7.05 2.45
C TYR A 371 25.84 7.89 1.52
N GLY A 372 26.57 7.17 0.67
CA GLY A 372 27.43 7.77 -0.32
C GLY A 372 28.90 7.78 0.04
N HIS A 373 29.23 7.42 1.28
CA HIS A 373 30.59 7.41 1.79
C HIS A 373 31.29 6.11 1.43
N GLY A 374 32.55 5.98 1.85
CA GLY A 374 33.38 4.85 1.48
C GLY A 374 32.92 3.50 2.01
N LYS A 375 31.95 3.47 2.93
CA LYS A 375 31.37 2.21 3.39
C LYS A 375 29.91 2.09 2.98
N ASN A 376 29.51 2.85 1.96
CA ASN A 376 28.23 2.78 1.28
C ASN A 376 27.10 3.37 2.11
N ALA A 377 26.66 2.67 3.15
CA ALA A 377 25.53 3.15 3.92
C ALA A 377 25.67 2.69 5.37
N TYR A 378 25.21 3.55 6.28
CA TYR A 378 25.35 3.37 7.72
C TYR A 378 24.07 3.85 8.38
N TRP A 379 23.42 2.96 9.13
CA TRP A 379 22.20 3.28 9.88
C TRP A 379 22.52 3.33 11.36
N TYR A 380 22.11 4.42 12.01
CA TYR A 380 22.33 4.60 13.44
C TYR A 380 21.04 5.08 14.08
N GLY A 381 20.61 4.38 15.13
CA GLY A 381 19.37 4.76 15.78
C GLY A 381 18.92 3.73 16.80
N SER A 382 17.66 3.92 17.21
CA SER A 382 17.04 3.19 18.30
C SER A 382 16.18 2.06 17.76
N GLN A 383 16.14 0.96 18.50
CA GLN A 383 15.30 -0.18 18.18
C GLN A 383 14.34 -0.47 19.34
N LEU A 384 13.81 0.59 19.95
CA LEU A 384 13.00 0.45 21.15
C LEU A 384 11.77 -0.41 20.93
N SER A 385 11.60 -1.41 21.79
CA SER A 385 10.46 -2.32 21.71
C SER A 385 9.34 -1.87 22.64
N ILE A 386 8.13 -2.38 22.37
CA ILE A 386 7.00 -2.09 23.23
C ILE A 386 7.18 -2.74 24.59
N GLU A 387 7.78 -3.92 24.64
CA GLU A 387 8.02 -4.59 25.92
C GLU A 387 8.94 -3.76 26.81
N GLU A 388 10.03 -3.23 26.24
CA GLU A 388 10.90 -2.40 27.04
C GLU A 388 10.19 -1.12 27.46
N THR A 389 9.44 -0.50 26.56
CA THR A 389 8.71 0.72 26.88
C THR A 389 7.87 0.53 28.14
N ARG A 390 7.07 -0.55 28.19
CA ARG A 390 6.22 -0.79 29.34
C ARG A 390 7.03 -0.92 30.62
N ARG A 391 8.26 -1.44 30.50
CA ARG A 391 9.10 -1.64 31.66
C ARG A 391 9.51 -0.32 32.29
N ILE A 392 9.77 0.70 31.48
CA ILE A 392 10.48 1.88 31.94
C ILE A 392 9.66 3.16 31.93
N ALA A 393 8.48 3.17 31.30
CA ALA A 393 7.71 4.40 31.24
C ALA A 393 6.24 4.08 31.05
N PRO A 394 5.34 4.76 31.76
CA PRO A 394 3.92 4.44 31.65
C PRO A 394 3.19 5.27 30.60
N ASP A 395 2.00 4.78 30.25
CA ASP A 395 1.02 5.56 29.50
C ASP A 395 1.46 5.86 28.07
N GLN A 396 2.24 5.00 27.43
CA GLN A 396 2.65 5.29 26.06
C GLN A 396 3.20 4.03 25.41
N ASN A 397 3.25 4.05 24.08
CA ASN A 397 3.84 2.99 23.30
C ASN A 397 5.27 3.39 22.95
N ALA A 398 5.94 2.58 22.12
CA ALA A 398 7.35 2.85 21.82
C ALA A 398 7.51 4.10 20.99
N THR A 399 6.59 4.34 20.06
CA THR A 399 6.62 5.58 19.28
C THR A 399 6.54 6.78 20.20
N GLY A 400 5.60 6.77 21.14
CA GLY A 400 5.44 7.89 22.05
C GLY A 400 6.64 8.10 22.95
N LEU A 401 7.30 7.01 23.38
CA LEU A 401 8.39 7.16 24.33
C LEU A 401 9.61 7.79 23.69
N GLN A 402 9.89 7.46 22.43
CA GLN A 402 10.99 8.13 21.74
C GLN A 402 10.73 9.63 21.61
N VAL A 403 9.47 10.01 21.46
CA VAL A 403 9.12 11.42 21.37
C VAL A 403 9.16 12.07 22.74
N SER A 404 8.49 11.48 23.72
CA SER A 404 8.41 12.10 25.05
C SER A 404 9.79 12.23 25.68
N SER A 405 10.65 11.22 25.52
CA SER A 405 11.98 11.32 26.10
C SER A 405 12.82 12.39 25.39
N ALA A 406 12.56 12.66 24.10
CA ALA A 406 13.26 13.75 23.44
C ALA A 406 12.81 15.11 23.97
N VAL A 407 11.53 15.24 24.28
CA VAL A 407 11.03 16.48 24.89
C VAL A 407 11.67 16.66 26.26
N LEU A 408 11.79 15.58 27.04
CA LEU A 408 12.49 15.64 28.31
C LEU A 408 13.91 16.15 28.13
N ALA A 409 14.64 15.58 27.17
CA ALA A 409 16.02 16.01 26.94
C ALA A 409 16.07 17.48 26.55
N GLY A 410 15.14 17.93 25.69
CA GLY A 410 15.13 19.32 25.30
C GLY A 410 14.86 20.25 26.48
N MET A 411 13.96 19.83 27.39
CA MET A 411 13.66 20.62 28.57
C MET A 411 14.87 20.72 29.49
N VAL A 412 15.55 19.60 29.73
CA VAL A 412 16.77 19.63 30.54
C VAL A 412 17.79 20.58 29.92
N TRP A 413 17.98 20.47 28.59
CA TRP A 413 18.93 21.36 27.94
C TRP A 413 18.52 22.82 28.09
N ALA A 414 17.23 23.11 27.90
CA ALA A 414 16.78 24.50 27.97
C ALA A 414 16.96 25.07 29.36
N LEU A 415 16.72 24.27 30.40
CA LEU A 415 16.93 24.76 31.76
C LEU A 415 18.41 25.08 32.00
N GLU A 416 19.31 24.28 31.42
CA GLU A 416 20.74 24.50 31.59
C GLU A 416 21.28 25.54 30.61
N ASN A 417 20.47 25.98 29.65
CA ASN A 417 20.88 26.98 28.65
C ASN A 417 19.69 27.89 28.37
N PRO A 418 19.24 28.65 29.36
CA PRO A 418 17.94 29.33 29.27
C PRO A 418 17.94 30.64 28.52
N ASN A 419 19.09 31.11 28.03
CA ASN A 419 19.16 32.36 27.29
C ASN A 419 19.84 32.14 25.95
N ALA A 420 19.48 31.06 25.27
CA ALA A 420 20.10 30.67 24.01
C ALA A 420 19.27 31.09 22.80
N GLY A 421 18.14 31.74 23.00
CA GLY A 421 17.31 32.17 21.89
C GLY A 421 16.56 31.03 21.26
N ILE A 422 16.01 31.31 20.07
CA ILE A 422 15.30 30.31 19.29
C ILE A 422 16.32 29.31 18.74
N VAL A 423 16.11 28.03 19.05
CA VAL A 423 17.05 26.98 18.68
C VAL A 423 16.29 25.78 18.14
N GLU A 424 16.90 25.11 17.17
CA GLU A 424 16.45 23.82 16.67
C GLU A 424 17.27 22.71 17.31
N ALA A 425 16.83 21.47 17.13
CA ALA A 425 17.53 20.33 17.71
C ALA A 425 18.98 20.26 17.25
N ASP A 426 19.26 20.72 16.03
CA ASP A 426 20.63 20.74 15.51
C ASP A 426 21.51 21.72 16.26
N ASP A 427 20.92 22.65 17.01
CA ASP A 427 21.67 23.64 17.78
C ASP A 427 21.99 23.21 19.20
N LEU A 428 21.33 22.16 19.70
CA LEU A 428 21.55 21.73 21.06
C LEU A 428 22.81 20.88 21.17
N ASP A 429 23.32 20.76 22.40
N ASP A 429 23.30 20.74 22.39
CA ASP A 429 24.45 19.88 22.68
CA ASP A 429 24.47 19.89 22.67
C ASP A 429 23.98 18.43 22.58
C ASP A 429 24.00 18.44 22.60
N PHE A 430 24.37 17.75 21.51
CA PHE A 430 23.79 16.44 21.25
C PHE A 430 24.20 15.41 22.30
N ARG A 431 25.39 15.54 22.86
CA ARG A 431 25.82 14.53 23.83
C ARG A 431 25.01 14.65 25.12
N ARG A 432 24.78 15.86 25.61
CA ARG A 432 23.96 16.04 26.79
C ARG A 432 22.54 15.57 26.54
N CYS A 433 21.99 15.86 25.37
CA CYS A 433 20.62 15.47 25.07
C CYS A 433 20.50 13.95 25.01
N LEU A 434 21.46 13.28 24.37
CA LEU A 434 21.41 11.82 24.33
C LEU A 434 21.68 11.22 25.70
N GLU A 435 22.47 11.89 26.55
CA GLU A 435 22.70 11.39 27.90
C GLU A 435 21.39 11.33 28.69
N VAL A 436 20.51 12.30 28.48
CA VAL A 436 19.22 12.29 29.15
C VAL A 436 18.27 11.30 28.49
N GLN A 437 18.33 11.19 27.16
CA GLN A 437 17.33 10.42 26.45
C GLN A 437 17.64 8.93 26.38
N THR A 438 18.91 8.55 26.37
CA THR A 438 19.27 7.17 26.07
C THR A 438 18.64 6.15 27.00
N PRO A 439 18.41 6.41 28.29
CA PRO A 439 17.72 5.41 29.12
C PRO A 439 16.37 5.00 28.58
N TYR A 440 15.77 5.78 27.67
CA TYR A 440 14.45 5.48 27.14
C TYR A 440 14.47 5.01 25.69
N LEU A 441 15.65 4.71 25.14
CA LEU A 441 15.74 4.40 23.72
C LEU A 441 16.00 2.92 23.42
N GLY A 442 16.13 2.08 24.44
CA GLY A 442 16.44 0.69 24.21
C GLY A 442 17.73 0.58 23.43
N PRO A 443 17.89 -0.50 22.65
CA PRO A 443 19.11 -0.67 21.86
C PRO A 443 19.31 0.49 20.89
N VAL A 444 20.47 1.13 20.99
CA VAL A 444 20.90 2.15 20.05
C VAL A 444 22.13 1.60 19.35
N VAL A 445 22.02 1.39 18.04
CA VAL A 445 23.04 0.62 17.33
C VAL A 445 23.39 1.30 16.02
N GLY A 446 24.62 1.07 15.57
CA GLY A 446 25.07 1.45 14.25
C GLY A 446 25.32 0.20 13.41
N VAL A 447 24.82 0.22 12.18
CA VAL A 447 24.83 -0.94 11.30
C VAL A 447 25.20 -0.48 9.90
N TYR A 448 26.20 -1.12 9.29
CA TYR A 448 26.52 -0.88 7.90
C TYR A 448 25.78 -1.87 7.00
N THR A 449 25.57 -1.47 5.75
CA THR A 449 24.94 -2.32 4.77
C THR A 449 25.52 -2.04 3.39
N ASP A 450 25.54 -3.07 2.55
N ASP A 450 25.53 -3.07 2.55
CA ASP A 450 25.91 -2.93 1.16
CA ASP A 450 25.91 -2.94 1.15
C ASP A 450 24.72 -2.68 0.25
C ASP A 450 24.71 -2.70 0.25
N TRP A 451 23.51 -2.68 0.80
CA TRP A 451 22.33 -2.40 -0.01
C TRP A 451 22.44 -1.01 -0.65
N THR A 452 21.95 -0.90 -1.88
CA THR A 452 21.77 0.38 -2.54
C THR A 452 20.44 0.39 -3.26
N PRO A 453 19.93 1.56 -3.64
CA PRO A 453 18.65 1.63 -4.36
C PRO A 453 18.68 0.96 -5.72
N LEU A 454 19.84 0.60 -6.25
CA LEU A 454 19.91 -0.12 -7.51
C LEU A 454 19.95 -1.63 -7.33
N ALA A 455 19.96 -2.13 -6.09
CA ALA A 455 20.01 -3.57 -5.87
C ALA A 455 18.90 -4.25 -6.68
N GLY A 456 19.29 -5.28 -7.43
CA GLY A 456 18.34 -6.02 -8.23
C GLY A 456 17.80 -5.30 -9.45
N ARG A 457 18.39 -4.17 -9.83
CA ARG A 457 17.82 -3.39 -10.92
C ARG A 457 18.85 -3.15 -12.01
N PRO A 458 18.42 -3.03 -13.28
CA PRO A 458 17.02 -3.09 -13.72
C PRO A 458 16.47 -4.51 -13.75
N GLY A 459 15.15 -4.65 -13.65
CA GLY A 459 14.47 -5.93 -13.73
C GLY A 459 13.96 -6.22 -15.12
N LEU A 460 12.82 -6.89 -15.18
CA LEU A 460 12.26 -7.28 -16.47
C LEU A 460 11.51 -6.16 -17.18
N PHE A 461 11.46 -4.95 -16.61
CA PHE A 461 10.90 -3.81 -17.31
C PHE A 461 11.96 -2.71 -17.46
N PRO A 462 11.87 -1.89 -18.51
CA PRO A 462 12.78 -0.74 -18.60
C PRO A 462 12.54 0.23 -17.44
N GLU A 463 13.64 0.72 -16.87
CA GLU A 463 13.57 1.65 -15.75
C GLU A 463 14.41 2.89 -16.03
N ASP A 464 13.93 4.03 -15.55
CA ASP A 464 14.63 5.31 -15.69
C ASP A 464 15.56 5.48 -14.48
N ILE A 465 16.75 4.88 -14.60
CA ILE A 465 17.69 4.86 -13.49
C ILE A 465 19.01 5.50 -13.90
N ASP A 466 19.82 5.82 -12.90
CA ASP A 466 21.15 6.38 -13.10
C ASP A 466 22.15 5.36 -12.59
N THR A 467 22.74 4.58 -13.52
CA THR A 467 23.64 3.50 -13.15
C THR A 467 25.00 3.99 -12.67
N SER A 468 25.32 5.27 -12.85
CA SER A 468 26.64 5.77 -12.44
C SER A 468 26.74 5.99 -10.93
N ASP A 469 25.62 6.21 -10.24
CA ASP A 469 25.63 6.55 -8.83
C ASP A 469 24.37 5.97 -8.19
N PRO A 470 24.50 4.89 -7.43
CA PRO A 470 23.30 4.19 -6.95
C PRO A 470 22.38 5.05 -6.09
N TRP A 471 22.91 6.02 -5.35
CA TRP A 471 22.12 6.71 -4.34
C TRP A 471 21.42 7.97 -4.87
N GLN A 472 21.51 8.25 -6.16
CA GLN A 472 20.77 9.36 -6.74
C GLN A 472 19.28 9.26 -6.42
N PHE A 473 18.67 10.41 -6.15
CA PHE A 473 17.22 10.44 -5.94
C PHE A 473 16.48 9.83 -7.12
N ARG A 474 17.05 9.95 -8.32
CA ARG A 474 16.44 9.35 -9.50
C ARG A 474 16.26 7.85 -9.33
N ASN A 475 17.13 7.22 -8.56
CA ASN A 475 17.00 5.80 -8.26
C ASN A 475 16.17 5.54 -7.01
N VAL A 476 16.07 6.50 -6.10
CA VAL A 476 15.36 6.28 -4.85
C VAL A 476 13.85 6.46 -5.04
N LEU A 477 13.45 7.48 -5.78
CA LEU A 477 12.04 7.78 -5.93
C LEU A 477 11.31 6.68 -6.72
N VAL A 478 10.15 6.30 -6.23
CA VAL A 478 9.31 5.30 -6.88
C VAL A 478 8.28 6.02 -7.75
N ARG A 479 8.26 5.69 -9.03
CA ARG A 479 7.31 6.29 -9.95
C ARG A 479 6.02 5.47 -10.01
N ASP A 480 4.89 6.14 -10.13
CA ASP A 480 3.62 5.48 -10.39
C ASP A 480 2.87 6.26 -11.48
N ASP B 6 -31.80 -32.10 -1.45
CA ASP B 6 -30.61 -32.80 -1.94
C ASP B 6 -29.91 -32.00 -3.04
N TRP B 7 -28.58 -32.14 -3.11
N TRP B 7 -28.58 -32.14 -3.12
CA TRP B 7 -27.83 -31.45 -4.14
CA TRP B 7 -27.83 -31.45 -4.15
C TRP B 7 -28.12 -32.08 -5.51
C TRP B 7 -28.12 -32.08 -5.52
N PRO B 8 -28.28 -31.28 -6.56
CA PRO B 8 -28.53 -31.86 -7.88
C PRO B 8 -27.30 -32.56 -8.45
N VAL B 9 -27.54 -33.71 -9.08
CA VAL B 9 -26.52 -34.40 -9.86
C VAL B 9 -26.80 -34.09 -11.33
N TYR B 10 -25.87 -33.36 -11.97
CA TYR B 10 -26.19 -32.81 -13.27
C TYR B 10 -25.93 -33.79 -14.42
N HIS B 11 -25.01 -34.72 -14.25
CA HIS B 11 -24.52 -35.47 -15.40
C HIS B 11 -23.70 -36.65 -14.91
N ARG B 12 -23.66 -37.70 -15.73
CA ARG B 12 -22.74 -38.80 -15.51
C ARG B 12 -21.48 -38.55 -16.33
N ILE B 13 -20.33 -38.74 -15.71
CA ILE B 13 -19.05 -38.72 -16.42
C ILE B 13 -18.66 -40.17 -16.66
N ASP B 14 -18.60 -40.55 -17.93
CA ASP B 14 -18.46 -41.92 -18.38
C ASP B 14 -17.00 -42.29 -18.63
N GLY B 15 -16.07 -41.55 -18.03
CA GLY B 15 -14.66 -41.81 -18.25
C GLY B 15 -13.83 -41.28 -17.10
N PRO B 16 -12.52 -41.36 -17.25
CA PRO B 16 -11.64 -40.89 -16.17
C PRO B 16 -11.73 -39.39 -15.97
N ILE B 17 -11.61 -39.00 -14.71
CA ILE B 17 -11.52 -37.60 -14.30
C ILE B 17 -10.10 -37.39 -13.78
N VAL B 18 -9.32 -36.60 -14.51
CA VAL B 18 -7.92 -36.37 -14.18
C VAL B 18 -7.80 -34.92 -13.73
N MET B 19 -7.61 -34.70 -12.44
CA MET B 19 -7.44 -33.38 -11.89
CA MET B 19 -7.43 -33.37 -11.90
C MET B 19 -5.94 -33.09 -11.77
N ILE B 20 -5.46 -32.11 -12.52
CA ILE B 20 -4.07 -31.69 -12.50
C ILE B 20 -3.97 -30.52 -11.54
N GLY B 21 -3.28 -30.72 -10.43
CA GLY B 21 -3.17 -29.69 -9.42
C GLY B 21 -4.14 -29.91 -8.27
N PHE B 22 -3.62 -29.92 -7.06
CA PHE B 22 -4.44 -30.05 -5.85
C PHE B 22 -4.03 -29.00 -4.84
N GLY B 23 -4.03 -27.75 -5.29
CA GLY B 23 -3.85 -26.58 -4.42
C GLY B 23 -5.17 -26.05 -3.91
N SER B 24 -5.23 -24.75 -3.64
CA SER B 24 -6.44 -24.19 -3.04
C SER B 24 -7.66 -24.46 -3.91
N ILE B 25 -7.52 -24.35 -5.23
CA ILE B 25 -8.69 -24.50 -6.08
C ILE B 25 -9.03 -25.98 -6.30
N GLY B 26 -8.03 -26.84 -6.52
CA GLY B 26 -8.30 -28.26 -6.62
C GLY B 26 -8.98 -28.82 -5.38
N ARG B 27 -8.54 -28.37 -4.20
N ARG B 27 -8.53 -28.37 -4.20
CA ARG B 27 -9.13 -28.84 -2.96
CA ARG B 27 -9.13 -28.83 -2.96
C ARG B 27 -10.58 -28.39 -2.82
C ARG B 27 -10.60 -28.42 -2.87
N GLY B 28 -10.93 -27.24 -3.40
CA GLY B 28 -12.31 -26.79 -3.33
C GLY B 28 -13.17 -27.37 -4.42
N THR B 29 -12.55 -27.78 -5.54
CA THR B 29 -13.32 -28.27 -6.68
C THR B 29 -13.64 -29.76 -6.54
N LEU B 30 -12.71 -30.54 -5.98
CA LEU B 30 -12.97 -31.97 -5.79
C LEU B 30 -14.29 -32.26 -5.09
N PRO B 31 -14.60 -31.67 -3.93
CA PRO B 31 -15.90 -31.98 -3.30
C PRO B 31 -17.09 -31.62 -4.17
N LEU B 32 -16.98 -30.58 -5.00
CA LEU B 32 -18.11 -30.23 -5.86
C LEU B 32 -18.26 -31.23 -7.00
N ILE B 33 -17.15 -31.73 -7.54
CA ILE B 33 -17.21 -32.78 -8.57
C ILE B 33 -17.85 -34.03 -7.98
N GLU B 34 -17.44 -34.43 -6.78
CA GLU B 34 -18.02 -35.61 -6.14
C GLU B 34 -19.50 -35.42 -5.85
N ARG B 35 -19.88 -34.18 -5.54
CA ARG B 35 -21.26 -33.89 -5.16
C ARG B 35 -22.19 -33.89 -6.36
N HIS B 36 -21.74 -33.35 -7.49
CA HIS B 36 -22.66 -32.99 -8.55
C HIS B 36 -22.57 -33.87 -9.79
N PHE B 37 -21.64 -34.81 -9.84
CA PHE B 37 -21.53 -35.70 -10.98
C PHE B 37 -21.57 -37.16 -10.54
N ALA B 38 -22.11 -38.00 -11.40
CA ALA B 38 -22.15 -39.45 -11.17
C ALA B 38 -20.98 -40.11 -11.88
N PHE B 39 -20.23 -40.94 -11.15
CA PHE B 39 -19.13 -41.71 -11.69
C PHE B 39 -18.63 -42.69 -10.63
N ASP B 40 -17.98 -43.76 -11.08
CA ASP B 40 -17.30 -44.68 -10.17
C ASP B 40 -16.12 -43.97 -9.50
N ARG B 41 -16.04 -44.10 -8.17
CA ARG B 41 -15.04 -43.37 -7.40
C ARG B 41 -13.64 -43.57 -7.95
N SER B 42 -13.33 -44.78 -8.42
CA SER B 42 -11.98 -45.09 -8.86
C SER B 42 -11.63 -44.44 -10.19
N LYS B 43 -12.58 -43.77 -10.84
CA LYS B 43 -12.30 -43.10 -12.10
C LYS B 43 -11.53 -41.79 -11.90
N LEU B 44 -11.56 -41.21 -10.70
CA LEU B 44 -10.98 -39.90 -10.46
C LEU B 44 -9.56 -40.05 -9.92
N VAL B 45 -8.64 -39.29 -10.50
CA VAL B 45 -7.25 -39.32 -10.05
C VAL B 45 -6.67 -37.91 -10.09
N VAL B 46 -5.92 -37.57 -9.05
CA VAL B 46 -5.33 -36.26 -8.85
C VAL B 46 -3.83 -36.37 -9.08
N ILE B 47 -3.26 -35.39 -9.79
CA ILE B 47 -1.84 -35.33 -10.06
C ILE B 47 -1.29 -34.02 -9.50
N ASP B 48 -0.29 -34.11 -8.60
CA ASP B 48 0.34 -32.93 -7.99
C ASP B 48 1.66 -33.36 -7.38
N PRO B 49 2.73 -32.58 -7.55
CA PRO B 49 4.03 -32.99 -6.99
C PRO B 49 4.19 -32.75 -5.48
N SER B 50 3.24 -32.08 -4.84
CA SER B 50 3.40 -31.61 -3.46
C SER B 50 3.12 -32.72 -2.44
N ASP B 51 4.00 -32.82 -1.43
CA ASP B 51 3.75 -33.71 -0.32
C ASP B 51 2.55 -33.26 0.51
N GLU B 52 2.41 -31.95 0.72
CA GLU B 52 1.22 -31.44 1.40
C GLU B 52 -0.04 -31.87 0.67
N ALA B 53 -0.04 -31.77 -0.66
CA ALA B 53 -1.20 -32.18 -1.43
C ALA B 53 -1.46 -33.67 -1.28
N ARG B 54 -0.40 -34.48 -1.32
CA ARG B 54 -0.58 -35.93 -1.21
C ARG B 54 -1.26 -36.31 0.09
N LYS B 55 -0.86 -35.70 1.21
CA LYS B 55 -1.43 -36.11 2.48
C LYS B 55 -2.91 -35.77 2.55
N LEU B 56 -3.31 -34.61 1.99
CA LEU B 56 -4.71 -34.24 1.97
C LEU B 56 -5.52 -35.18 1.09
N ALA B 57 -4.98 -35.55 -0.07
CA ALA B 57 -5.69 -36.47 -0.95
C ALA B 57 -5.90 -37.82 -0.28
N GLU B 58 -4.84 -38.36 0.34
CA GLU B 58 -4.98 -39.61 1.09
C GLU B 58 -6.06 -39.49 2.16
N ALA B 59 -6.12 -38.37 2.87
CA ALA B 59 -7.16 -38.18 3.87
C ALA B 59 -8.53 -38.13 3.25
N ARG B 60 -8.63 -37.64 2.01
CA ARG B 60 -9.90 -37.63 1.28
C ARG B 60 -10.20 -38.96 0.62
N GLY B 61 -9.26 -39.90 0.62
CA GLY B 61 -9.49 -41.20 0.01
C GLY B 61 -9.49 -41.21 -1.50
N VAL B 62 -8.80 -40.29 -2.15
CA VAL B 62 -8.80 -40.23 -3.60
C VAL B 62 -7.44 -40.65 -4.14
N ARG B 63 -7.48 -41.27 -5.32
CA ARG B 63 -6.25 -41.66 -6.02
C ARG B 63 -5.37 -40.44 -6.25
N PHE B 64 -4.07 -40.60 -6.01
CA PHE B 64 -3.15 -39.47 -6.11
C PHE B 64 -1.85 -39.94 -6.71
N ILE B 65 -1.39 -39.22 -7.72
CA ILE B 65 -0.11 -39.48 -8.37
C ILE B 65 0.79 -38.28 -8.09
N GLN B 66 1.87 -38.52 -7.34
CA GLN B 66 2.71 -37.41 -6.90
C GLN B 66 3.78 -37.17 -7.96
N GLN B 67 3.44 -36.33 -8.94
CA GLN B 67 4.32 -36.08 -10.07
C GLN B 67 4.04 -34.70 -10.64
N ALA B 68 5.12 -33.99 -10.98
CA ALA B 68 5.01 -32.75 -11.72
C ALA B 68 4.81 -33.05 -13.21
N VAL B 69 3.79 -32.44 -13.80
CA VAL B 69 3.58 -32.53 -15.24
C VAL B 69 4.54 -31.58 -15.94
N THR B 70 5.32 -32.10 -16.87
CA THR B 70 6.33 -31.30 -17.54
C THR B 70 6.22 -31.48 -19.04
N ARG B 71 6.91 -30.61 -19.77
CA ARG B 71 7.01 -30.77 -21.22
C ARG B 71 7.52 -32.16 -21.59
N ASP B 72 8.36 -32.74 -20.74
CA ASP B 72 9.02 -34.00 -21.09
C ASP B 72 8.14 -35.22 -20.83
N ASN B 73 7.20 -35.14 -19.90
CA ASN B 73 6.44 -36.32 -19.52
C ASN B 73 4.94 -36.23 -19.76
N TYR B 74 4.42 -35.08 -20.22
CA TYR B 74 2.97 -34.90 -20.15
C TYR B 74 2.25 -35.86 -21.09
N ARG B 75 2.82 -36.12 -22.27
CA ARG B 75 2.17 -37.05 -23.19
C ARG B 75 2.16 -38.46 -22.63
N GLU B 76 3.32 -38.94 -22.14
N GLU B 76 3.31 -38.92 -22.14
CA GLU B 76 3.38 -40.30 -21.63
CA GLU B 76 3.42 -40.27 -21.61
C GLU B 76 2.51 -40.46 -20.38
C GLU B 76 2.54 -40.45 -20.39
N LEU B 77 2.31 -39.38 -19.61
CA LEU B 77 1.51 -39.49 -18.41
C LEU B 77 0.03 -39.35 -18.72
N LEU B 78 -0.35 -38.30 -19.45
CA LEU B 78 -1.75 -37.92 -19.51
C LEU B 78 -2.55 -38.72 -20.54
N VAL B 79 -1.94 -39.12 -21.66
CA VAL B 79 -2.70 -39.85 -22.68
C VAL B 79 -3.27 -41.14 -22.12
N PRO B 80 -2.51 -42.01 -21.47
CA PRO B 80 -3.12 -43.22 -20.90
C PRO B 80 -4.20 -42.91 -19.86
N LEU B 81 -3.96 -41.93 -18.99
CA LEU B 81 -4.93 -41.65 -17.93
C LEU B 81 -6.24 -41.13 -18.51
N LEU B 82 -6.18 -40.30 -19.55
CA LEU B 82 -7.40 -39.70 -20.08
C LEU B 82 -8.17 -40.63 -21.00
N THR B 83 -7.52 -41.66 -21.56
CA THR B 83 -8.16 -42.57 -22.50
C THR B 83 -8.45 -43.93 -21.88
N ALA B 84 -8.46 -44.02 -20.54
CA ALA B 84 -8.69 -45.29 -19.87
C ALA B 84 -10.08 -45.86 -20.13
N GLY B 85 -11.05 -45.03 -20.52
CA GLY B 85 -12.36 -45.52 -20.87
C GLY B 85 -13.32 -45.59 -19.70
N PRO B 86 -14.54 -46.10 -19.94
CA PRO B 86 -15.01 -46.66 -21.21
C PRO B 86 -15.38 -45.59 -22.22
N GLY B 87 -15.68 -44.42 -21.72
CA GLY B 87 -16.08 -43.33 -22.58
C GLY B 87 -15.22 -42.11 -22.39
N GLN B 88 -15.83 -40.96 -22.61
CA GLN B 88 -15.12 -39.69 -22.61
C GLN B 88 -14.74 -39.28 -21.20
N GLY B 89 -13.45 -39.04 -20.99
CA GLY B 89 -12.97 -38.50 -19.73
C GLY B 89 -12.99 -36.98 -19.71
N PHE B 90 -12.51 -36.44 -18.60
CA PHE B 90 -12.50 -34.99 -18.37
C PHE B 90 -11.19 -34.63 -17.69
N CYS B 91 -10.43 -33.75 -18.31
CA CYS B 91 -9.19 -33.21 -17.75
C CYS B 91 -9.54 -31.87 -17.10
N VAL B 92 -9.40 -31.81 -15.78
CA VAL B 92 -9.71 -30.63 -14.96
C VAL B 92 -8.37 -30.06 -14.51
N ASN B 93 -7.92 -29.02 -15.18
CA ASN B 93 -6.57 -28.51 -15.00
C ASN B 93 -6.60 -27.28 -14.08
N LEU B 94 -6.09 -27.46 -12.87
CA LEU B 94 -6.07 -26.44 -11.82
C LEU B 94 -4.67 -26.30 -11.25
N SER B 95 -3.69 -26.16 -12.13
CA SER B 95 -2.29 -26.23 -11.74
C SER B 95 -1.59 -24.90 -12.01
N VAL B 96 -0.34 -24.83 -11.59
CA VAL B 96 0.60 -23.82 -12.03
C VAL B 96 1.73 -24.54 -12.75
N ASP B 97 2.49 -23.78 -13.53
CA ASP B 97 3.76 -24.22 -14.13
C ASP B 97 3.57 -25.21 -15.28
N THR B 98 2.34 -25.43 -15.73
CA THR B 98 2.05 -26.33 -16.84
C THR B 98 1.43 -25.54 -17.98
N SER B 99 1.60 -26.03 -19.20
CA SER B 99 1.08 -25.36 -20.38
C SER B 99 -0.38 -25.73 -20.60
N SER B 100 -1.28 -24.79 -20.35
CA SER B 100 -2.69 -24.99 -20.65
C SER B 100 -2.90 -25.35 -22.12
N LEU B 101 -2.20 -24.67 -23.02
CA LEU B 101 -2.37 -24.92 -24.44
C LEU B 101 -1.98 -26.35 -24.81
N ASP B 102 -0.79 -26.80 -24.41
CA ASP B 102 -0.36 -28.13 -24.80
C ASP B 102 -1.25 -29.21 -24.19
N ILE B 103 -1.64 -29.05 -22.92
CA ILE B 103 -2.49 -30.07 -22.30
C ILE B 103 -3.87 -30.06 -22.95
N MET B 104 -4.43 -28.88 -23.20
CA MET B 104 -5.70 -28.76 -23.90
C MET B 104 -5.66 -29.47 -25.25
N GLU B 105 -4.60 -29.25 -26.02
CA GLU B 105 -4.53 -29.85 -27.35
C GLU B 105 -4.39 -31.37 -27.25
N LEU B 106 -3.69 -31.85 -26.23
CA LEU B 106 -3.58 -33.28 -25.99
C LEU B 106 -4.93 -33.89 -25.63
N ALA B 107 -5.65 -33.27 -24.70
CA ALA B 107 -6.98 -33.76 -24.35
C ALA B 107 -7.87 -33.84 -25.58
N ARG B 108 -7.86 -32.79 -26.40
CA ARG B 108 -8.71 -32.76 -27.59
C ARG B 108 -8.30 -33.82 -28.61
N GLU B 109 -6.99 -33.98 -28.84
CA GLU B 109 -6.53 -35.01 -29.76
C GLU B 109 -7.03 -36.40 -29.35
N ASN B 110 -7.34 -36.58 -28.08
CA ASN B 110 -7.72 -37.88 -27.55
C ASN B 110 -9.17 -37.96 -27.10
N GLY B 111 -9.99 -36.98 -27.48
CA GLY B 111 -11.41 -37.06 -27.21
C GLY B 111 -11.84 -36.79 -25.79
N ALA B 112 -10.97 -36.24 -24.96
CA ALA B 112 -11.32 -35.92 -23.59
C ALA B 112 -11.71 -34.44 -23.49
N LEU B 113 -12.72 -34.17 -22.67
CA LEU B 113 -13.06 -32.80 -22.34
C LEU B 113 -11.95 -32.17 -21.49
N TYR B 114 -11.94 -30.83 -21.47
CA TYR B 114 -10.89 -30.09 -20.81
C TYR B 114 -11.46 -28.81 -20.22
N ILE B 115 -10.93 -28.40 -19.07
CA ILE B 115 -11.21 -27.08 -18.51
C ILE B 115 -10.02 -26.61 -17.70
N ASP B 116 -9.76 -25.29 -17.73
CA ASP B 116 -8.78 -24.65 -16.86
C ASP B 116 -9.28 -23.27 -16.46
N THR B 117 -8.48 -22.57 -15.66
CA THR B 117 -8.86 -21.27 -15.13
C THR B 117 -7.84 -20.18 -15.51
N VAL B 118 -6.94 -20.48 -16.42
CA VAL B 118 -5.84 -19.58 -16.78
C VAL B 118 -5.13 -20.15 -17.99
N VAL B 119 -4.57 -19.29 -18.84
CA VAL B 119 -3.66 -19.73 -19.90
C VAL B 119 -2.27 -19.74 -19.28
N GLU B 120 -1.91 -20.85 -18.66
CA GLU B 120 -0.62 -20.99 -18.01
C GLU B 120 0.40 -21.51 -19.02
N PRO B 121 1.66 -21.02 -18.93
CA PRO B 121 2.72 -21.57 -19.77
C PRO B 121 3.56 -22.58 -19.01
N TRP B 122 4.40 -23.35 -19.73
CA TRP B 122 5.35 -24.22 -19.05
C TRP B 122 6.28 -23.41 -18.15
N LEU B 123 6.67 -24.03 -17.04
CA LEU B 123 7.63 -23.44 -16.11
C LEU B 123 8.81 -22.79 -16.85
N GLY B 124 9.14 -21.57 -16.46
CA GLY B 124 10.24 -20.82 -17.02
C GLY B 124 9.83 -19.58 -17.79
N PHE B 125 8.60 -19.56 -18.29
CA PHE B 125 8.13 -18.49 -19.17
C PHE B 125 8.08 -17.15 -18.45
N TYR B 126 7.42 -17.10 -17.29
CA TYR B 126 7.07 -15.80 -16.68
C TYR B 126 8.31 -14.97 -16.37
N PHE B 127 9.44 -15.60 -16.07
CA PHE B 127 10.66 -14.89 -15.70
C PHE B 127 11.78 -15.12 -16.68
N ASP B 128 11.46 -15.56 -17.89
CA ASP B 128 12.46 -15.72 -18.94
C ASP B 128 13.05 -14.35 -19.25
N PRO B 129 14.35 -14.12 -19.02
CA PRO B 129 14.92 -12.80 -19.30
C PRO B 129 15.03 -12.49 -20.78
N ASP B 130 14.96 -13.49 -21.65
CA ASP B 130 15.03 -13.26 -23.09
C ASP B 130 13.69 -12.89 -23.71
N LEU B 131 12.63 -12.79 -22.91
CA LEU B 131 11.31 -12.46 -23.43
C LEU B 131 11.06 -10.96 -23.25
N LYS B 132 10.61 -10.31 -24.32
CA LYS B 132 10.14 -8.94 -24.20
C LYS B 132 8.86 -8.89 -23.38
N PRO B 133 8.57 -7.76 -22.74
CA PRO B 133 7.31 -7.66 -21.97
C PRO B 133 6.10 -8.03 -22.79
N GLU B 134 6.04 -7.62 -24.06
CA GLU B 134 4.89 -7.98 -24.90
C GLU B 134 4.70 -9.48 -24.95
N ALA B 135 5.80 -10.24 -25.05
CA ALA B 135 5.71 -11.69 -25.15
C ALA B 135 5.28 -12.34 -23.84
N ARG B 136 5.42 -11.63 -22.72
N ARG B 136 5.42 -11.63 -22.73
CA ARG B 136 4.99 -12.15 -21.43
CA ARG B 136 4.98 -12.15 -21.43
C ARG B 136 3.56 -11.74 -21.09
C ARG B 136 3.56 -11.72 -21.08
N SER B 137 2.84 -11.13 -22.03
CA SER B 137 1.49 -10.64 -21.76
C SER B 137 0.45 -11.75 -21.89
N ASN B 138 -0.66 -11.56 -21.19
CA ASN B 138 -1.80 -12.47 -21.33
C ASN B 138 -2.46 -12.33 -22.70
N TYR B 139 -2.38 -11.17 -23.32
CA TYR B 139 -2.84 -11.03 -24.69
C TYR B 139 -2.16 -12.05 -25.59
N ALA B 140 -0.84 -12.16 -25.48
CA ALA B 140 -0.09 -13.09 -26.32
C ALA B 140 -0.45 -14.54 -26.00
N LEU B 141 -0.51 -14.87 -24.71
CA LEU B 141 -0.90 -16.23 -24.34
C LEU B 141 -2.29 -16.56 -24.87
N ARG B 142 -3.24 -15.64 -24.75
CA ARG B 142 -4.58 -15.88 -25.26
C ARG B 142 -4.55 -16.10 -26.77
N GLU B 143 -3.71 -15.35 -27.49
CA GLU B 143 -3.64 -15.52 -28.93
C GLU B 143 -3.20 -16.93 -29.32
N THR B 144 -2.42 -17.62 -28.46
CA THR B 144 -2.08 -18.99 -28.80
C THR B 144 -3.33 -19.88 -28.79
N VAL B 145 -4.27 -19.59 -27.89
CA VAL B 145 -5.50 -20.36 -27.81
C VAL B 145 -6.40 -20.05 -29.00
N LEU B 146 -6.50 -18.76 -29.37
CA LEU B 146 -7.32 -18.41 -30.54
C LEU B 146 -6.75 -19.02 -31.81
N ALA B 147 -5.43 -19.08 -31.93
CA ALA B 147 -4.83 -19.70 -33.11
C ALA B 147 -5.10 -21.19 -33.14
N ALA B 148 -5.07 -21.85 -31.98
CA ALA B 148 -5.37 -23.28 -31.94
C ALA B 148 -6.80 -23.53 -32.39
N ARG B 149 -7.72 -22.65 -32.02
CA ARG B 149 -9.11 -22.79 -32.45
C ARG B 149 -9.25 -22.58 -33.95
N ARG B 150 -8.52 -21.62 -34.52
CA ARG B 150 -8.59 -21.41 -35.96
C ARG B 150 -8.02 -22.60 -36.72
N ASN B 151 -6.97 -23.22 -36.16
CA ASN B 151 -6.32 -24.34 -36.83
C ASN B 151 -7.15 -25.62 -36.77
N LYS B 152 -7.93 -25.80 -35.71
CA LYS B 152 -8.76 -27.00 -35.54
C LYS B 152 -10.13 -26.61 -35.02
N PRO B 153 -10.99 -26.07 -35.89
CA PRO B 153 -12.32 -25.65 -35.44
C PRO B 153 -13.19 -26.85 -35.08
N GLY B 154 -14.16 -26.60 -34.23
CA GLY B 154 -14.97 -27.73 -33.80
C GLY B 154 -14.14 -28.72 -32.99
N GLY B 155 -14.65 -29.95 -32.94
CA GLY B 155 -14.05 -31.00 -32.14
C GLY B 155 -14.52 -30.97 -30.70
N THR B 156 -13.84 -31.75 -29.88
CA THR B 156 -14.21 -31.89 -28.48
C THR B 156 -14.11 -30.57 -27.73
N THR B 157 -15.05 -30.35 -26.83
CA THR B 157 -15.12 -29.09 -26.09
C THR B 157 -13.95 -28.95 -25.13
N ALA B 158 -13.30 -27.79 -25.16
CA ALA B 158 -12.27 -27.41 -24.21
C ALA B 158 -12.55 -25.98 -23.77
N VAL B 159 -12.73 -25.79 -22.47
CA VAL B 159 -13.13 -24.51 -21.89
C VAL B 159 -11.88 -23.84 -21.33
N SER B 160 -11.52 -22.71 -21.91
CA SER B 160 -10.35 -21.95 -21.50
C SER B 160 -10.78 -20.86 -20.53
N CYS B 161 -10.07 -20.78 -19.40
CA CYS B 161 -10.18 -19.68 -18.45
C CYS B 161 -11.60 -19.56 -17.88
N CYS B 162 -12.00 -20.62 -17.19
CA CYS B 162 -13.32 -20.69 -16.58
C CYS B 162 -13.22 -20.83 -15.06
N GLY B 163 -12.64 -19.83 -14.42
CA GLY B 163 -12.71 -19.67 -12.98
C GLY B 163 -13.70 -18.59 -12.58
N ALA B 164 -13.42 -17.91 -11.47
CA ALA B 164 -14.23 -16.76 -11.10
C ALA B 164 -13.91 -15.55 -11.96
N ASN B 165 -12.64 -15.29 -12.22
CA ASN B 165 -12.22 -14.16 -13.05
C ASN B 165 -10.78 -14.38 -13.47
N PRO B 166 -10.52 -14.77 -14.72
CA PRO B 166 -11.51 -14.96 -15.78
C PRO B 166 -12.50 -16.11 -15.52
N GLY B 167 -13.66 -16.03 -16.14
CA GLY B 167 -14.68 -17.05 -16.03
C GLY B 167 -16.05 -16.46 -15.74
N MET B 168 -16.47 -16.60 -14.49
CA MET B 168 -17.79 -16.14 -14.05
C MET B 168 -18.06 -14.70 -14.43
N VAL B 169 -17.03 -13.83 -14.40
CA VAL B 169 -17.32 -12.42 -14.61
C VAL B 169 -17.81 -12.17 -16.02
N SER B 170 -17.46 -13.04 -16.98
CA SER B 170 -18.02 -12.91 -18.32
C SER B 170 -19.53 -13.08 -18.29
N TRP B 171 -20.04 -14.02 -17.48
CA TRP B 171 -21.47 -14.21 -17.36
C TRP B 171 -22.13 -13.03 -16.64
N PHE B 172 -21.43 -12.46 -15.65
CA PHE B 172 -21.92 -11.27 -14.99
C PHE B 172 -22.08 -10.10 -15.96
N VAL B 173 -21.13 -9.94 -16.89
CA VAL B 173 -21.22 -8.85 -17.86
C VAL B 173 -22.50 -9.00 -18.68
N LYS B 174 -22.78 -10.21 -19.16
CA LYS B 174 -23.99 -10.45 -19.93
C LYS B 174 -25.23 -10.13 -19.10
N GLN B 175 -25.29 -10.62 -17.87
CA GLN B 175 -26.44 -10.34 -17.02
C GLN B 175 -26.56 -8.85 -16.73
N ALA B 176 -25.43 -8.17 -16.53
CA ALA B 176 -25.46 -6.74 -16.23
C ALA B 176 -26.04 -5.95 -17.39
N LEU B 177 -25.59 -6.26 -18.61
CA LEU B 177 -26.11 -5.60 -19.80
C LEU B 177 -27.63 -5.77 -19.90
N VAL B 178 -28.11 -7.00 -19.72
CA VAL B 178 -29.56 -7.25 -19.75
C VAL B 178 -30.26 -6.43 -18.67
N ASN B 179 -29.69 -6.39 -17.46
CA ASN B 179 -30.29 -5.61 -16.38
C ASN B 179 -30.29 -4.12 -16.71
N LEU B 180 -29.19 -3.62 -17.25
CA LEU B 180 -29.12 -2.21 -17.61
C LEU B 180 -30.21 -1.84 -18.60
N ALA B 181 -30.37 -2.64 -19.65
CA ALA B 181 -31.42 -2.40 -20.63
C ALA B 181 -32.80 -2.41 -19.96
N ALA B 182 -33.07 -3.45 -19.15
CA ALA B 182 -34.35 -3.53 -18.49
C ALA B 182 -34.59 -2.35 -17.57
N ASP B 183 -33.57 -1.92 -16.85
CA ASP B 183 -33.72 -0.80 -15.92
C ASP B 183 -34.01 0.51 -16.65
N LEU B 184 -33.67 0.59 -17.94
CA LEU B 184 -34.00 1.75 -18.78
C LEU B 184 -35.37 1.63 -19.43
N GLY B 185 -36.11 0.55 -19.17
CA GLY B 185 -37.37 0.30 -19.87
C GLY B 185 -37.22 -0.26 -21.26
N VAL B 186 -36.03 -0.71 -21.63
CA VAL B 186 -35.81 -1.34 -22.93
C VAL B 186 -36.19 -2.81 -22.79
N THR B 187 -37.26 -3.21 -23.47
CA THR B 187 -37.76 -4.57 -23.37
C THR B 187 -37.45 -5.34 -24.67
N GLY B 188 -37.63 -6.64 -24.60
CA GLY B 188 -37.60 -7.44 -25.80
C GLY B 188 -36.32 -8.25 -25.92
N GLU B 189 -36.39 -9.26 -26.77
CA GLU B 189 -35.33 -10.23 -27.07
C GLU B 189 -33.98 -9.84 -26.52
N GLU B 190 -33.42 -10.66 -25.64
CA GLU B 190 -32.04 -10.48 -25.27
C GLU B 190 -31.16 -11.07 -26.37
N PRO B 191 -29.93 -10.58 -26.49
CA PRO B 191 -29.07 -11.03 -27.60
C PRO B 191 -28.76 -12.51 -27.53
N THR B 192 -28.47 -13.09 -28.69
CA THR B 192 -28.08 -14.49 -28.79
C THR B 192 -26.75 -14.69 -29.51
N THR B 193 -26.24 -13.71 -30.24
CA THR B 193 -24.98 -13.84 -30.94
C THR B 193 -23.97 -12.85 -30.38
N ARG B 194 -22.69 -13.15 -30.62
N ARG B 194 -22.69 -13.13 -30.62
CA ARG B 194 -21.60 -12.26 -30.23
CA ARG B 194 -21.63 -12.23 -30.19
C ARG B 194 -21.87 -10.83 -30.71
C ARG B 194 -21.86 -10.82 -30.71
N GLU B 195 -22.21 -10.69 -31.99
CA GLU B 195 -22.40 -9.36 -32.55
C GLU B 195 -23.56 -8.64 -31.89
N GLU B 196 -24.60 -9.37 -31.49
CA GLU B 196 -25.73 -8.73 -30.81
C GLU B 196 -25.35 -8.29 -29.40
N TRP B 197 -24.55 -9.08 -28.69
CA TRP B 197 -24.07 -8.65 -27.38
C TRP B 197 -23.23 -7.38 -27.50
N ALA B 198 -22.30 -7.37 -28.46
CA ALA B 198 -21.45 -6.21 -28.65
C ALA B 198 -22.28 -4.97 -28.95
N ARG B 199 -23.33 -5.12 -29.77
CA ARG B 199 -24.15 -3.96 -30.10
C ARG B 199 -25.01 -3.50 -28.93
N LEU B 200 -25.42 -4.43 -28.06
CA LEU B 200 -26.14 -4.02 -26.86
C LEU B 200 -25.26 -3.13 -25.99
N ALA B 201 -24.00 -3.51 -25.80
CA ALA B 201 -23.08 -2.68 -25.05
C ALA B 201 -22.86 -1.34 -25.73
N MET B 202 -22.66 -1.36 -27.05
N MET B 202 -22.69 -1.36 -27.06
N MET B 202 -22.69 -1.36 -27.05
CA MET B 202 -22.53 -0.12 -27.80
CA MET B 202 -22.54 -0.12 -27.80
CA MET B 202 -22.53 -0.10 -27.79
C MET B 202 -23.78 0.74 -27.64
C MET B 202 -23.78 0.76 -27.68
C MET B 202 -23.78 0.76 -27.67
N ASP B 203 -24.96 0.16 -27.89
CA ASP B 203 -26.20 0.94 -27.86
C ASP B 203 -26.49 1.52 -26.48
N LEU B 204 -26.24 0.76 -25.41
CA LEU B 204 -26.42 1.28 -24.05
C LEU B 204 -25.36 2.30 -23.66
N GLY B 205 -24.33 2.48 -24.48
CA GLY B 205 -23.30 3.43 -24.19
C GLY B 205 -22.34 3.02 -23.09
N VAL B 206 -22.04 1.73 -22.99
CA VAL B 206 -21.06 1.26 -22.01
C VAL B 206 -19.67 1.63 -22.53
N LYS B 207 -19.00 2.54 -21.83
CA LYS B 207 -17.66 2.95 -22.25
C LYS B 207 -16.60 1.94 -21.79
N GLY B 208 -16.76 1.38 -20.61
CA GLY B 208 -15.78 0.44 -20.09
C GLY B 208 -16.33 -0.37 -18.95
N ILE B 209 -15.51 -1.33 -18.51
CA ILE B 209 -15.87 -2.30 -17.49
C ILE B 209 -14.66 -2.50 -16.59
N HIS B 210 -14.84 -2.37 -15.29
CA HIS B 210 -13.87 -2.85 -14.33
C HIS B 210 -14.29 -4.21 -13.82
N ILE B 211 -13.35 -5.15 -13.75
CA ILE B 211 -13.50 -6.31 -12.87
C ILE B 211 -13.19 -5.77 -11.47
N ALA B 212 -14.23 -5.42 -10.72
CA ALA B 212 -14.12 -4.63 -9.50
C ALA B 212 -14.29 -5.54 -8.31
N GLU B 213 -13.19 -5.80 -7.59
CA GLU B 213 -13.15 -6.81 -6.55
C GLU B 213 -12.56 -6.22 -5.29
N ARG B 214 -13.15 -6.59 -4.15
CA ARG B 214 -12.63 -6.25 -2.83
C ARG B 214 -12.76 -7.49 -1.96
N ASP B 215 -11.63 -8.02 -1.51
CA ASP B 215 -11.57 -9.17 -0.62
C ASP B 215 -11.37 -8.63 0.79
N THR B 216 -12.32 -8.91 1.68
CA THR B 216 -12.25 -8.41 3.05
C THR B 216 -11.96 -9.53 4.05
N GLN B 217 -11.60 -10.72 3.59
CA GLN B 217 -11.30 -11.82 4.50
C GLN B 217 -10.08 -11.48 5.35
N ARG B 218 -10.21 -11.66 6.66
CA ARG B 218 -9.15 -11.33 7.60
C ARG B 218 -8.73 -12.57 8.37
N ALA B 219 -7.45 -12.63 8.69
CA ALA B 219 -6.87 -13.78 9.36
C ALA B 219 -6.94 -13.63 10.87
N SER B 220 -6.95 -14.76 11.57
CA SER B 220 -6.90 -14.79 13.02
C SER B 220 -5.51 -14.50 13.57
N PHE B 221 -4.49 -14.45 12.72
CA PHE B 221 -3.15 -14.11 13.14
C PHE B 221 -2.65 -12.92 12.33
N PRO B 222 -1.81 -12.07 12.92
CA PRO B 222 -1.30 -10.92 12.17
C PRO B 222 -0.33 -11.36 11.07
N LYS B 223 -0.17 -10.47 10.11
CA LYS B 223 0.75 -10.68 8.98
C LYS B 223 2.15 -10.98 9.46
N PRO B 224 2.70 -12.16 9.16
CA PRO B 224 4.08 -12.45 9.55
C PRO B 224 5.07 -11.74 8.64
N PHE B 225 6.11 -11.18 9.25
CA PHE B 225 7.19 -10.57 8.48
C PHE B 225 7.79 -11.58 7.51
N ASP B 226 8.08 -11.12 6.29
CA ASP B 226 8.74 -11.93 5.27
C ASP B 226 7.93 -13.18 4.92
N VAL B 227 6.60 -13.02 4.90
CA VAL B 227 5.72 -14.08 4.44
C VAL B 227 4.63 -13.46 3.57
N PHE B 228 4.46 -13.97 2.35
CA PHE B 228 3.39 -13.50 1.47
C PHE B 228 2.12 -14.26 1.81
N VAL B 229 1.06 -13.54 2.12
CA VAL B 229 -0.22 -14.12 2.54
C VAL B 229 -1.28 -13.76 1.52
N ASN B 230 -2.10 -14.73 1.14
CA ASN B 230 -3.18 -14.51 0.19
C ASN B 230 -4.29 -15.53 0.43
N THR B 231 -5.43 -15.32 -0.22
CA THR B 231 -6.57 -16.22 -0.07
C THR B 231 -6.68 -17.25 -1.19
N ALA B 232 -5.89 -17.11 -2.24
CA ALA B 232 -5.72 -18.12 -3.27
C ALA B 232 -4.25 -18.11 -3.67
N SER B 233 -3.92 -18.83 -4.74
CA SER B 233 -2.53 -19.06 -5.14
C SER B 233 -1.66 -17.83 -4.94
N VAL B 234 -0.63 -17.99 -4.12
CA VAL B 234 0.38 -16.95 -4.02
C VAL B 234 1.27 -16.97 -5.26
N GLU B 235 1.74 -18.16 -5.65
CA GLU B 235 2.60 -18.26 -6.83
C GLU B 235 1.88 -17.73 -8.07
N GLY B 236 0.61 -18.10 -8.23
CA GLY B 236 -0.15 -17.62 -9.38
C GLY B 236 -0.38 -16.12 -9.34
N PHE B 237 -0.67 -15.56 -8.15
CA PHE B 237 -0.92 -14.13 -8.04
C PHE B 237 0.36 -13.33 -8.27
N VAL B 238 1.48 -13.78 -7.71
CA VAL B 238 2.75 -13.09 -7.91
C VAL B 238 3.16 -13.14 -9.37
N SER B 239 2.97 -14.28 -10.03
CA SER B 239 3.30 -14.38 -11.45
C SER B 239 2.53 -13.36 -12.28
N GLU B 240 1.20 -13.33 -12.12
CA GLU B 240 0.43 -12.37 -12.91
C GLU B 240 0.68 -10.94 -12.41
N GLY B 241 0.99 -10.78 -11.12
CA GLY B 241 1.27 -9.45 -10.60
C GLY B 241 2.54 -8.84 -11.17
N LEU B 242 3.47 -9.69 -11.62
CA LEU B 242 4.72 -9.24 -12.21
C LEU B 242 4.69 -9.21 -13.74
N GLN B 243 3.65 -9.77 -14.36
CA GLN B 243 3.41 -9.53 -15.77
C GLN B 243 3.07 -8.05 -15.99
N PRO B 244 3.19 -7.58 -17.23
CA PRO B 244 2.82 -6.19 -17.51
C PRO B 244 1.37 -5.92 -17.14
N ALA B 245 1.11 -4.72 -16.63
CA ALA B 245 -0.27 -4.25 -16.56
C ALA B 245 -0.88 -4.34 -17.94
N GLU B 246 -2.13 -4.81 -18.01
CA GLU B 246 -2.80 -5.04 -19.28
C GLU B 246 -4.27 -4.67 -19.17
N LEU B 247 -4.83 -4.19 -20.28
CA LEU B 247 -6.23 -3.84 -20.32
C LEU B 247 -6.77 -3.96 -21.73
N GLY B 248 -8.03 -4.35 -21.83
CA GLY B 248 -8.78 -4.14 -23.05
C GLY B 248 -9.02 -2.65 -23.21
N TRP B 249 -8.86 -2.16 -24.43
CA TRP B 249 -8.74 -0.73 -24.68
C TRP B 249 -9.95 -0.23 -25.46
N GLY B 250 -10.70 0.67 -24.84
CA GLY B 250 -11.96 1.10 -25.41
C GLY B 250 -11.76 2.15 -26.48
N THR B 251 -12.71 2.17 -27.42
CA THR B 251 -12.70 3.19 -28.45
C THR B 251 -12.94 4.59 -27.90
N PHE B 252 -13.48 4.73 -26.68
CA PHE B 252 -13.76 6.07 -26.16
C PHE B 252 -12.52 6.74 -25.56
N GLU B 253 -11.46 5.97 -25.29
CA GLU B 253 -10.29 6.53 -24.63
C GLU B 253 -9.57 7.50 -25.56
N ARG B 254 -9.12 8.61 -25.00
CA ARG B 254 -8.40 9.62 -25.78
C ARG B 254 -7.00 9.88 -25.24
N TRP B 255 -6.49 9.00 -24.38
CA TRP B 255 -5.18 9.18 -23.78
C TRP B 255 -4.68 7.85 -23.24
N MET B 256 -3.38 7.62 -23.37
N MET B 256 -3.38 7.62 -23.36
CA MET B 256 -2.73 6.49 -22.73
CA MET B 256 -2.73 6.49 -22.73
C MET B 256 -1.38 6.96 -22.22
C MET B 256 -1.35 6.93 -22.25
N PRO B 257 -0.80 6.25 -21.26
CA PRO B 257 0.51 6.65 -20.73
C PRO B 257 1.59 6.55 -21.77
N ASP B 258 2.69 7.28 -21.52
CA ASP B 258 3.83 7.20 -22.42
C ASP B 258 4.38 5.78 -22.53
N ASN B 259 4.27 4.99 -21.46
CA ASN B 259 4.79 3.62 -21.46
C ASN B 259 3.72 2.59 -21.79
N ALA B 260 2.63 3.00 -22.44
CA ALA B 260 1.65 2.06 -22.96
C ALA B 260 2.05 1.62 -24.36
N ARG B 261 1.71 0.38 -24.69
CA ARG B 261 2.08 -0.22 -25.97
C ARG B 261 0.90 -1.06 -26.46
N GLY B 262 0.76 -1.13 -27.78
CA GLY B 262 -0.21 -1.99 -28.42
C GLY B 262 0.41 -3.27 -28.93
N HIS B 263 -0.32 -3.95 -29.80
CA HIS B 263 0.11 -5.22 -30.36
C HIS B 263 0.05 -5.16 -31.87
N ASP B 264 1.05 -5.75 -32.53
CA ASP B 264 1.08 -5.78 -33.99
C ASP B 264 0.01 -6.70 -34.55
N SER B 265 -0.36 -7.74 -33.81
CA SER B 265 -1.18 -8.82 -34.34
C SER B 265 -2.23 -9.18 -33.32
N GLY B 266 -3.09 -10.11 -33.68
CA GLY B 266 -4.11 -10.60 -32.79
C GLY B 266 -5.42 -9.87 -32.97
N CYS B 267 -6.31 -10.09 -31.99
CA CYS B 267 -7.67 -9.58 -32.08
C CYS B 267 -7.72 -8.06 -32.02
N GLY B 268 -6.71 -7.40 -31.47
CA GLY B 268 -6.62 -5.95 -31.49
C GLY B 268 -7.20 -5.23 -30.30
N ALA B 269 -7.66 -5.94 -29.28
CA ALA B 269 -8.47 -5.33 -28.25
C ALA B 269 -7.68 -4.81 -27.05
N GLY B 270 -6.36 -4.92 -27.04
CA GLY B 270 -5.60 -4.75 -25.83
C GLY B 270 -4.43 -3.81 -25.96
N ILE B 271 -4.07 -3.21 -24.84
CA ILE B 271 -2.79 -2.55 -24.66
C ILE B 271 -2.14 -3.14 -23.41
N TYR B 272 -0.88 -2.80 -23.21
CA TYR B 272 -0.16 -3.16 -21.99
C TYR B 272 0.74 -1.99 -21.61
N LEU B 273 1.10 -1.96 -20.34
CA LEU B 273 2.01 -0.95 -19.81
C LEU B 273 3.34 -1.62 -19.44
N LEU B 274 4.42 -0.88 -19.62
CA LEU B 274 5.77 -1.38 -19.33
C LEU B 274 6.09 -1.22 -17.84
N GLN B 275 5.26 -1.86 -17.01
CA GLN B 275 5.42 -1.84 -15.56
C GLN B 275 4.57 -2.95 -14.97
N PRO B 276 4.93 -3.49 -13.80
CA PRO B 276 4.17 -4.62 -13.26
C PRO B 276 2.78 -4.22 -12.78
N GLY B 277 1.81 -5.07 -13.10
CA GLY B 277 0.41 -4.75 -12.80
C GLY B 277 0.13 -4.63 -11.31
N ALA B 278 0.73 -5.51 -10.50
CA ALA B 278 0.47 -5.49 -9.06
C ALA B 278 1.13 -4.32 -8.35
N ASN B 279 1.87 -3.49 -9.06
CA ASN B 279 2.37 -2.22 -8.54
C ASN B 279 1.80 -1.06 -9.34
N THR B 280 0.66 -1.26 -10.00
CA THR B 280 -0.06 -0.23 -10.73
C THR B 280 -1.44 -0.08 -10.11
N ARG B 281 -1.79 1.14 -9.73
CA ARG B 281 -3.07 1.38 -9.06
C ARG B 281 -4.04 2.11 -9.97
N VAL B 282 -5.32 1.78 -9.81
CA VAL B 282 -6.41 2.42 -10.53
C VAL B 282 -7.48 2.78 -9.52
N ARG B 283 -8.21 3.87 -9.81
CA ARG B 283 -9.35 4.27 -8.99
C ARG B 283 -10.59 3.52 -9.44
N SER B 284 -11.25 2.85 -8.49
CA SER B 284 -12.42 2.03 -8.77
C SER B 284 -13.36 2.08 -7.56
N TRP B 285 -14.35 1.18 -7.57
CA TRP B 285 -15.48 1.23 -6.65
C TRP B 285 -16.15 -0.14 -6.57
N THR B 286 -16.52 -0.56 -5.36
CA THR B 286 -17.41 -1.69 -5.16
C THR B 286 -18.42 -1.30 -4.10
N PRO B 287 -19.52 -2.06 -3.99
CA PRO B 287 -20.56 -1.66 -3.03
C PRO B 287 -20.08 -1.59 -1.58
N THR B 288 -19.25 -2.55 -1.15
CA THR B 288 -18.81 -2.59 0.25
C THR B 288 -17.61 -1.70 0.49
N ALA B 289 -16.70 -1.58 -0.48
CA ALA B 289 -15.54 -0.74 -0.31
C ALA B 289 -15.82 0.73 -0.61
N MET B 290 -16.87 1.03 -1.36
N MET B 290 -16.88 1.03 -1.35
CA MET B 290 -17.07 2.38 -1.92
CA MET B 290 -17.07 2.37 -1.92
C MET B 290 -15.83 2.67 -2.77
C MET B 290 -15.82 2.66 -2.76
N ALA B 291 -15.39 3.91 -2.83
CA ALA B 291 -14.21 4.25 -3.62
C ALA B 291 -12.97 3.59 -3.02
N GLN B 292 -12.17 2.97 -3.89
CA GLN B 292 -10.96 2.28 -3.43
C GLN B 292 -9.92 2.27 -4.55
N TYR B 293 -8.68 1.98 -4.17
CA TYR B 293 -7.68 1.60 -5.15
C TYR B 293 -7.85 0.12 -5.51
N GLY B 294 -7.75 -0.19 -6.79
CA GLY B 294 -7.48 -1.54 -7.19
C GLY B 294 -6.12 -1.62 -7.84
N PHE B 295 -5.54 -2.80 -7.92
CA PHE B 295 -4.34 -3.04 -8.71
C PHE B 295 -4.72 -3.50 -10.10
N LEU B 296 -3.96 -3.02 -11.09
CA LEU B 296 -4.23 -3.29 -12.51
C LEU B 296 -3.46 -4.52 -12.98
N VAL B 297 -3.83 -5.65 -12.39
CA VAL B 297 -3.19 -6.94 -12.66
C VAL B 297 -3.75 -7.49 -13.96
N THR B 298 -2.88 -8.04 -14.79
CA THR B 298 -3.29 -8.64 -16.06
C THR B 298 -4.16 -9.87 -15.84
N HIS B 299 -5.21 -9.98 -16.63
CA HIS B 299 -6.15 -11.07 -16.61
C HIS B 299 -6.72 -11.34 -17.98
N ASN B 300 -6.92 -12.59 -18.29
CA ASN B 300 -7.42 -12.96 -19.61
C ASN B 300 -8.70 -12.24 -19.96
N GLU B 301 -9.61 -12.07 -18.99
CA GLU B 301 -10.93 -11.54 -19.30
C GLU B 301 -10.87 -10.06 -19.65
N SER B 302 -9.83 -9.36 -19.23
CA SER B 302 -9.64 -7.97 -19.66
C SER B 302 -9.60 -7.88 -21.18
N ILE B 303 -8.97 -8.87 -21.82
CA ILE B 303 -8.91 -8.92 -23.28
C ILE B 303 -10.15 -9.58 -23.84
N SER B 304 -10.54 -10.75 -23.29
CA SER B 304 -11.59 -11.53 -23.94
C SER B 304 -12.92 -10.78 -23.92
N ILE B 305 -13.23 -10.07 -22.84
CA ILE B 305 -14.51 -9.35 -22.75
C ILE B 305 -14.52 -8.18 -23.72
N ALA B 306 -13.43 -7.42 -23.80
CA ALA B 306 -13.35 -6.30 -24.74
C ALA B 306 -13.41 -6.79 -26.18
N ASP B 307 -12.74 -7.91 -26.47
CA ASP B 307 -12.84 -8.57 -27.78
C ASP B 307 -14.27 -8.99 -28.07
N PHE B 308 -14.90 -9.68 -27.12
CA PHE B 308 -16.27 -10.16 -27.32
C PHE B 308 -17.22 -9.01 -27.63
N LEU B 309 -17.05 -7.87 -26.97
CA LEU B 309 -17.97 -6.75 -27.11
C LEU B 309 -17.53 -5.75 -28.17
N THR B 310 -16.71 -6.17 -29.14
CA THR B 310 -16.23 -5.29 -30.20
C THR B 310 -17.21 -5.30 -31.37
N VAL B 311 -17.59 -4.11 -31.82
CA VAL B 311 -18.39 -3.93 -33.02
C VAL B 311 -17.46 -3.43 -34.11
N ARG B 312 -17.51 -4.07 -35.28
CA ARG B 312 -16.68 -3.71 -36.42
C ARG B 312 -17.53 -3.19 -37.57
N ASP B 313 -16.96 -2.30 -38.36
CA ASP B 313 -17.64 -1.83 -39.56
C ASP B 313 -17.42 -2.81 -40.71
N ALA B 314 -18.04 -2.51 -41.86
CA ALA B 314 -17.98 -3.41 -43.01
C ALA B 314 -16.54 -3.72 -43.41
N ALA B 315 -15.66 -2.72 -43.37
CA ALA B 315 -14.27 -2.95 -43.71
C ALA B 315 -13.54 -3.81 -42.68
N GLY B 316 -14.10 -4.00 -41.49
CA GLY B 316 -13.45 -4.78 -40.46
C GLY B 316 -12.75 -3.98 -39.38
N GLN B 317 -12.86 -2.66 -39.42
CA GLN B 317 -12.26 -1.82 -38.39
C GLN B 317 -13.17 -1.74 -37.18
N ALA B 318 -12.57 -1.81 -35.99
CA ALA B 318 -13.34 -1.68 -34.76
C ALA B 318 -13.90 -0.27 -34.66
N VAL B 319 -15.22 -0.16 -34.54
CA VAL B 319 -15.87 1.13 -34.32
C VAL B 319 -16.35 1.28 -32.87
N TYR B 320 -16.59 0.19 -32.16
CA TYR B 320 -16.88 0.28 -30.74
C TYR B 320 -16.19 -0.87 -30.03
N ARG B 321 -15.65 -0.58 -28.84
CA ARG B 321 -15.07 -1.57 -27.96
C ARG B 321 -15.01 -0.96 -26.58
N PRO B 322 -15.40 -1.68 -25.54
CA PRO B 322 -15.27 -1.13 -24.18
C PRO B 322 -13.85 -1.29 -23.66
N THR B 323 -13.44 -0.36 -22.80
CA THR B 323 -12.27 -0.61 -21.96
C THR B 323 -12.65 -1.70 -20.95
N CYS B 324 -11.69 -2.58 -20.63
CA CYS B 324 -11.95 -3.59 -19.63
C CYS B 324 -10.65 -3.96 -18.92
N HIS B 325 -10.65 -3.88 -17.59
CA HIS B 325 -9.50 -4.36 -16.86
C HIS B 325 -9.84 -4.65 -15.41
N TYR B 326 -8.93 -5.37 -14.77
CA TYR B 326 -9.01 -5.69 -13.35
C TYR B 326 -8.81 -4.43 -12.53
N ALA B 327 -9.58 -4.31 -11.45
CA ALA B 327 -9.37 -3.27 -10.44
C ALA B 327 -9.44 -4.00 -9.10
N TYR B 328 -8.31 -4.61 -8.70
CA TYR B 328 -8.28 -5.65 -7.68
C TYR B 328 -7.83 -5.08 -6.34
N HIS B 329 -8.69 -5.13 -5.34
CA HIS B 329 -8.27 -4.86 -3.97
C HIS B 329 -8.26 -6.18 -3.22
N PRO B 330 -7.10 -6.80 -3.04
CA PRO B 330 -7.05 -8.11 -2.37
C PRO B 330 -7.23 -7.95 -0.87
N CYS B 331 -7.16 -9.07 -0.15
CA CYS B 331 -7.28 -8.99 1.30
C CYS B 331 -6.15 -8.15 1.88
N ASN B 332 -6.39 -7.65 3.09
CA ASN B 332 -5.43 -6.75 3.73
C ASN B 332 -4.05 -7.35 3.84
N ASP B 333 -3.95 -8.62 4.19
CA ASP B 333 -2.63 -9.24 4.30
C ASP B 333 -1.95 -9.32 2.94
N ALA B 334 -2.73 -9.45 1.85
CA ALA B 334 -2.15 -9.42 0.51
C ALA B 334 -1.68 -8.02 0.14
N VAL B 335 -2.46 -6.99 0.50
CA VAL B 335 -2.01 -5.61 0.29
C VAL B 335 -0.66 -5.39 0.96
N LEU B 336 -0.55 -5.80 2.23
CA LEU B 336 0.73 -5.67 2.94
C LEU B 336 1.82 -6.52 2.27
N SER B 337 1.45 -7.70 1.74
CA SER B 337 2.44 -8.57 1.11
C SER B 337 3.00 -7.93 -0.15
N LEU B 338 2.16 -7.25 -0.93
CA LEU B 338 2.64 -6.58 -2.13
C LEU B 338 3.57 -5.41 -1.76
N HIS B 339 3.15 -4.59 -0.80
CA HIS B 339 4.00 -3.50 -0.32
C HIS B 339 5.35 -4.03 0.14
N GLU B 340 5.34 -5.15 0.83
CA GLU B 340 6.58 -5.79 1.29
C GLU B 340 7.41 -6.32 0.12
N MET B 341 6.75 -7.00 -0.83
CA MET B 341 7.49 -7.61 -1.93
C MET B 341 8.11 -6.55 -2.83
N PHE B 342 7.31 -5.59 -3.29
CA PHE B 342 7.84 -4.56 -4.17
C PHE B 342 8.79 -3.62 -3.45
N GLY B 343 8.57 -3.39 -2.15
CA GLY B 343 9.50 -2.58 -1.38
C GLY B 343 10.85 -3.22 -1.17
N SER B 344 10.90 -4.55 -1.12
CA SER B 344 12.18 -5.24 -0.99
C SER B 344 12.78 -5.60 -2.34
N GLY B 345 11.98 -5.64 -3.39
CA GLY B 345 12.48 -6.00 -4.70
C GLY B 345 12.61 -7.48 -4.94
N LYS B 346 12.01 -8.32 -4.10
CA LYS B 346 12.06 -9.74 -4.32
C LYS B 346 10.97 -10.44 -3.52
N ARG B 347 10.70 -11.68 -3.93
CA ARG B 347 9.69 -12.49 -3.26
C ARG B 347 10.10 -12.76 -1.83
N GLN B 348 9.12 -12.76 -0.93
CA GLN B 348 9.33 -13.19 0.45
C GLN B 348 9.87 -14.61 0.47
N SER B 349 10.51 -14.96 1.60
CA SER B 349 11.12 -16.28 1.72
CA SER B 349 11.12 -16.28 1.73
C SER B 349 10.08 -17.38 1.86
N ASP B 350 8.88 -17.06 2.34
CA ASP B 350 7.83 -18.06 2.52
C ASP B 350 6.50 -17.45 2.08
N TRP B 351 5.49 -18.31 1.97
CA TRP B 351 4.16 -17.84 1.63
C TRP B 351 3.12 -18.80 2.21
N ARG B 352 1.90 -18.30 2.36
CA ARG B 352 0.83 -19.15 2.81
C ARG B 352 -0.51 -18.64 2.29
N ILE B 353 -1.41 -19.58 2.05
CA ILE B 353 -2.77 -19.28 1.63
C ILE B 353 -3.67 -19.45 2.85
N LEU B 354 -4.54 -18.48 3.07
CA LEU B 354 -5.41 -18.55 4.24
C LEU B 354 -6.41 -19.68 4.09
N ASP B 355 -6.40 -20.60 5.06
CA ASP B 355 -7.43 -21.63 5.19
C ASP B 355 -8.68 -21.07 5.86
N GLU B 356 -9.82 -21.67 5.56
CA GLU B 356 -11.07 -21.20 6.17
C GLU B 356 -10.99 -21.22 7.70
N THR B 357 -10.25 -22.18 8.27
CA THR B 357 -10.14 -22.21 9.73
C THR B 357 -9.33 -21.03 10.27
N GLU B 358 -8.57 -20.35 9.42
CA GLU B 358 -7.74 -19.24 9.84
C GLU B 358 -8.41 -17.89 9.62
N ILE B 359 -9.58 -17.86 8.99
CA ILE B 359 -10.24 -16.62 8.60
C ILE B 359 -11.31 -16.30 9.62
N VAL B 360 -11.25 -15.09 10.18
CA VAL B 360 -12.18 -14.73 11.25
C VAL B 360 -13.49 -14.19 10.68
N ASP B 361 -13.45 -13.51 9.54
CA ASP B 361 -14.64 -12.93 8.93
C ASP B 361 -14.25 -12.42 7.55
N GLY B 362 -15.25 -11.93 6.82
CA GLY B 362 -15.04 -11.26 5.56
C GLY B 362 -15.73 -11.94 4.39
N ILE B 363 -15.65 -11.26 3.25
CA ILE B 363 -16.27 -11.70 2.02
C ILE B 363 -15.26 -11.57 0.89
N ASP B 364 -15.58 -12.19 -0.24
CA ASP B 364 -14.92 -11.89 -1.51
C ASP B 364 -15.97 -11.21 -2.39
N GLU B 365 -15.94 -9.89 -2.43
CA GLU B 365 -16.88 -9.10 -3.23
C GLU B 365 -16.32 -8.96 -4.64
N LEU B 366 -16.92 -9.67 -5.59
CA LEU B 366 -16.38 -9.80 -6.93
C LEU B 366 -17.49 -9.56 -7.93
N GLY B 367 -17.32 -8.53 -8.76
CA GLY B 367 -18.34 -8.19 -9.73
C GLY B 367 -17.76 -7.38 -10.87
N VAL B 368 -18.64 -6.98 -11.77
CA VAL B 368 -18.29 -6.17 -12.91
C VAL B 368 -18.94 -4.81 -12.75
N LEU B 369 -18.15 -3.77 -13.02
CA LEU B 369 -18.57 -2.37 -12.88
C LEU B 369 -18.64 -1.80 -14.29
N LEU B 370 -19.86 -1.71 -14.83
CA LEU B 370 -20.10 -1.14 -16.14
C LEU B 370 -20.35 0.36 -15.99
N TYR B 371 -19.59 1.18 -16.73
CA TYR B 371 -19.69 2.61 -16.57
C TYR B 371 -19.77 3.33 -17.90
N GLY B 372 -20.18 4.60 -17.84
CA GLY B 372 -20.29 5.45 -19.00
C GLY B 372 -21.67 5.57 -19.59
N HIS B 373 -22.60 4.70 -19.16
CA HIS B 373 -23.97 4.69 -19.64
C HIS B 373 -24.80 5.74 -18.90
N GLY B 374 -26.10 5.76 -19.20
CA GLY B 374 -26.95 6.82 -18.69
C GLY B 374 -27.06 6.85 -17.18
N LYS B 375 -26.88 5.71 -16.52
CA LYS B 375 -26.95 5.65 -15.06
C LYS B 375 -25.56 5.63 -14.42
N ASN B 376 -24.58 6.16 -15.14
CA ASN B 376 -23.20 6.35 -14.71
C ASN B 376 -22.43 5.06 -14.49
N ALA B 377 -22.76 4.31 -13.43
CA ALA B 377 -22.00 3.12 -13.09
C ALA B 377 -22.91 2.08 -12.43
N TYR B 378 -22.67 0.82 -12.75
CA TYR B 378 -23.50 -0.28 -12.28
C TYR B 378 -22.60 -1.46 -11.95
N TRP B 379 -22.64 -1.91 -10.70
CA TRP B 379 -21.85 -3.04 -10.23
C TRP B 379 -22.76 -4.25 -10.07
N TYR B 380 -22.37 -5.36 -10.68
CA TYR B 380 -23.13 -6.59 -10.59
C TYR B 380 -22.19 -7.72 -10.20
N GLY B 381 -22.51 -8.44 -9.13
CA GLY B 381 -21.72 -9.61 -8.80
C GLY B 381 -22.02 -10.17 -7.41
N SER B 382 -21.06 -10.97 -6.93
CA SER B 382 -21.24 -11.80 -5.75
C SER B 382 -20.64 -11.17 -4.51
N GLN B 383 -21.32 -11.34 -3.38
CA GLN B 383 -20.87 -10.85 -2.09
C GLN B 383 -20.68 -12.00 -1.10
N LEU B 384 -20.16 -13.11 -1.60
CA LEU B 384 -20.07 -14.33 -0.82
C LEU B 384 -19.22 -14.16 0.43
N SER B 385 -19.76 -14.54 1.58
CA SER B 385 -19.05 -14.44 2.84
C SER B 385 -18.40 -15.76 3.23
N ILE B 386 -17.38 -15.67 4.09
CA ILE B 386 -16.73 -16.88 4.60
C ILE B 386 -17.74 -17.71 5.40
N GLU B 387 -18.66 -17.05 6.12
CA GLU B 387 -19.64 -17.80 6.92
C GLU B 387 -20.56 -18.63 6.04
N GLU B 388 -21.05 -18.05 4.94
CA GLU B 388 -21.91 -18.84 4.06
C GLU B 388 -21.12 -19.94 3.38
N THR B 389 -19.87 -19.65 3.00
CA THR B 389 -19.02 -20.67 2.37
C THR B 389 -18.95 -21.91 3.24
N ARG B 390 -18.65 -21.74 4.53
CA ARG B 390 -18.50 -22.89 5.40
C ARG B 390 -19.77 -23.71 5.50
N ARG B 391 -20.94 -23.08 5.33
CA ARG B 391 -22.19 -23.80 5.41
C ARG B 391 -22.48 -24.64 4.18
N ILE B 392 -21.94 -24.30 3.01
CA ILE B 392 -22.38 -24.93 1.76
C ILE B 392 -21.27 -25.71 1.04
N ALA B 393 -20.01 -25.53 1.39
CA ALA B 393 -18.94 -26.23 0.69
C ALA B 393 -17.70 -26.35 1.58
N PRO B 394 -17.07 -27.52 1.66
CA PRO B 394 -15.93 -27.70 2.55
C PRO B 394 -14.60 -27.41 1.86
N ASP B 395 -13.57 -27.32 2.69
CA ASP B 395 -12.17 -27.28 2.24
C ASP B 395 -11.84 -26.05 1.41
N GLN B 396 -12.49 -24.92 1.67
CA GLN B 396 -12.14 -23.72 0.92
C GLN B 396 -12.70 -22.47 1.58
N ASN B 397 -12.13 -21.34 1.21
CA ASN B 397 -12.59 -20.03 1.66
C ASN B 397 -13.51 -19.43 0.59
N ALA B 398 -13.97 -18.19 0.81
CA ALA B 398 -14.93 -17.59 -0.12
C ALA B 398 -14.31 -17.36 -1.48
N THR B 399 -13.03 -16.99 -1.52
CA THR B 399 -12.32 -16.81 -2.77
C THR B 399 -12.34 -18.10 -3.57
N GLY B 400 -11.99 -19.21 -2.92
CA GLY B 400 -11.91 -20.49 -3.62
C GLY B 400 -13.26 -20.97 -4.13
N LEU B 401 -14.33 -20.75 -3.36
CA LEU B 401 -15.63 -21.28 -3.75
C LEU B 401 -16.17 -20.58 -4.98
N GLN B 402 -15.92 -19.27 -5.12
CA GLN B 402 -16.31 -18.58 -6.34
C GLN B 402 -15.62 -19.19 -7.55
N VAL B 403 -14.38 -19.61 -7.38
CA VAL B 403 -13.64 -20.23 -8.48
C VAL B 403 -14.08 -21.66 -8.70
N SER B 404 -14.14 -22.46 -7.64
N SER B 404 -14.12 -22.46 -7.63
CA SER B 404 -14.46 -23.88 -7.81
CA SER B 404 -14.48 -23.87 -7.76
C SER B 404 -15.88 -24.06 -8.34
C SER B 404 -15.87 -24.03 -8.35
N SER B 405 -16.83 -23.22 -7.91
CA SER B 405 -18.19 -23.33 -8.42
C SER B 405 -18.25 -22.92 -9.88
N ALA B 406 -17.35 -22.03 -10.32
CA ALA B 406 -17.29 -21.65 -11.73
C ALA B 406 -16.76 -22.81 -12.57
N VAL B 407 -15.76 -23.54 -12.06
CA VAL B 407 -15.29 -24.72 -12.77
C VAL B 407 -16.39 -25.77 -12.84
N LEU B 408 -17.15 -25.94 -11.76
CA LEU B 408 -18.31 -26.82 -11.79
C LEU B 408 -19.26 -26.43 -12.92
N ALA B 409 -19.60 -25.14 -13.01
CA ALA B 409 -20.52 -24.69 -14.04
C ALA B 409 -19.95 -24.95 -15.44
N GLY B 410 -18.67 -24.67 -15.65
CA GLY B 410 -18.09 -24.92 -16.97
C GLY B 410 -18.06 -26.40 -17.32
N MET B 411 -17.80 -27.25 -16.33
CA MET B 411 -17.83 -28.69 -16.54
C MET B 411 -19.22 -29.15 -16.95
N VAL B 412 -20.25 -28.66 -16.25
CA VAL B 412 -21.63 -28.97 -16.65
C VAL B 412 -21.88 -28.55 -18.08
N TRP B 413 -21.48 -27.30 -18.42
CA TRP B 413 -21.72 -26.81 -19.78
C TRP B 413 -20.97 -27.66 -20.80
N ALA B 414 -19.72 -28.01 -20.51
CA ALA B 414 -18.94 -28.83 -21.44
C ALA B 414 -19.59 -30.21 -21.65
N LEU B 415 -20.07 -30.82 -20.57
CA LEU B 415 -20.70 -32.13 -20.69
C LEU B 415 -22.00 -32.04 -21.49
N GLU B 416 -22.75 -30.94 -21.34
CA GLU B 416 -24.00 -30.72 -22.05
C GLU B 416 -23.79 -30.27 -23.49
N ASN B 417 -22.64 -29.66 -23.80
CA ASN B 417 -22.29 -29.20 -25.14
C ASN B 417 -20.90 -29.74 -25.47
N PRO B 418 -20.77 -31.05 -25.72
CA PRO B 418 -19.43 -31.66 -25.78
C PRO B 418 -18.74 -31.58 -27.12
N ASN B 419 -19.35 -30.96 -28.13
CA ASN B 419 -18.79 -30.89 -29.47
C ASN B 419 -18.59 -29.45 -29.93
N ALA B 420 -18.27 -28.56 -28.99
CA ALA B 420 -18.25 -27.12 -29.24
C ALA B 420 -16.86 -26.58 -29.56
N GLY B 421 -15.83 -27.42 -29.55
CA GLY B 421 -14.49 -26.95 -29.81
C GLY B 421 -13.93 -26.14 -28.66
N ILE B 422 -12.89 -25.39 -28.96
CA ILE B 422 -12.23 -24.54 -27.98
C ILE B 422 -13.12 -23.32 -27.72
N VAL B 423 -13.48 -23.11 -26.46
CA VAL B 423 -14.39 -22.03 -26.10
C VAL B 423 -13.85 -21.28 -24.90
N GLU B 424 -14.19 -19.99 -24.84
CA GLU B 424 -13.94 -19.14 -23.70
C GLU B 424 -15.21 -18.99 -22.87
N ALA B 425 -15.08 -18.37 -21.69
CA ALA B 425 -16.25 -18.15 -20.84
C ALA B 425 -17.29 -17.28 -21.54
N ASP B 426 -16.86 -16.36 -22.39
CA ASP B 426 -17.79 -15.53 -23.15
C ASP B 426 -18.56 -16.31 -24.19
N ASP B 427 -18.14 -17.54 -24.51
CA ASP B 427 -18.80 -18.38 -25.50
C ASP B 427 -19.86 -19.28 -24.92
N LEU B 428 -19.89 -19.45 -23.60
CA LEU B 428 -20.83 -20.39 -22.99
C LEU B 428 -22.19 -19.72 -22.77
N ASP B 429 -23.21 -20.57 -22.58
CA ASP B 429 -24.56 -20.13 -22.24
C ASP B 429 -24.52 -19.54 -20.83
N PHE B 430 -24.55 -18.21 -20.73
CA PHE B 430 -24.31 -17.59 -19.43
C PHE B 430 -25.43 -17.90 -18.45
N ARG B 431 -26.67 -18.04 -18.94
CA ARG B 431 -27.77 -18.32 -18.03
C ARG B 431 -27.64 -19.71 -17.42
N ARG B 432 -27.32 -20.72 -18.24
CA ARG B 432 -27.14 -22.06 -17.70
C ARG B 432 -25.98 -22.11 -16.72
N CYS B 433 -24.89 -21.41 -17.03
CA CYS B 433 -23.73 -21.44 -16.14
C CYS B 433 -24.06 -20.76 -14.80
N LEU B 434 -24.73 -19.62 -14.83
CA LEU B 434 -25.08 -18.97 -13.57
C LEU B 434 -26.14 -19.77 -12.82
N GLU B 435 -26.97 -20.54 -13.54
CA GLU B 435 -27.94 -21.39 -12.85
C GLU B 435 -27.23 -22.45 -12.01
N VAL B 436 -26.14 -23.02 -12.54
CA VAL B 436 -25.39 -24.01 -11.78
C VAL B 436 -24.59 -23.35 -10.67
N GLN B 437 -24.04 -22.16 -10.93
CA GLN B 437 -23.11 -21.59 -9.98
C GLN B 437 -23.80 -20.81 -8.86
N THR B 438 -24.97 -20.24 -9.11
CA THR B 438 -25.54 -19.31 -8.15
C THR B 438 -25.75 -19.86 -6.74
N PRO B 439 -26.04 -21.16 -6.53
CA PRO B 439 -26.16 -21.65 -5.14
C PRO B 439 -24.91 -21.42 -4.30
N TYR B 440 -23.77 -21.14 -4.92
CA TYR B 440 -22.50 -21.02 -4.23
C TYR B 440 -21.95 -19.58 -4.22
N LEU B 441 -22.75 -18.61 -4.63
CA LEU B 441 -22.25 -17.24 -4.77
C LEU B 441 -22.79 -16.28 -3.71
N GLY B 442 -23.58 -16.75 -2.75
CA GLY B 442 -24.15 -15.88 -1.76
C GLY B 442 -24.99 -14.81 -2.41
N PRO B 443 -25.06 -13.63 -1.80
CA PRO B 443 -25.81 -12.53 -2.42
C PRO B 443 -25.22 -12.14 -3.77
N VAL B 444 -26.06 -12.10 -4.79
CA VAL B 444 -25.70 -11.64 -6.12
C VAL B 444 -26.59 -10.44 -6.40
N VAL B 445 -25.98 -9.25 -6.49
CA VAL B 445 -26.77 -8.02 -6.54
C VAL B 445 -26.20 -7.06 -7.58
N GLY B 446 -27.08 -6.19 -8.07
CA GLY B 446 -26.68 -5.09 -8.92
C GLY B 446 -26.92 -3.77 -8.22
N VAL B 447 -25.93 -2.89 -8.23
CA VAL B 447 -25.95 -1.66 -7.46
C VAL B 447 -25.48 -0.53 -8.36
N TYR B 448 -26.29 0.52 -8.47
CA TYR B 448 -25.90 1.72 -9.19
C TYR B 448 -25.17 2.68 -8.27
N THR B 449 -24.28 3.49 -8.84
CA THR B 449 -23.63 4.51 -8.05
C THR B 449 -23.37 5.75 -8.89
N ASP B 450 -23.40 6.89 -8.19
N ASP B 450 -23.39 6.90 -8.22
CA ASP B 450 -23.05 8.18 -8.76
CA ASP B 450 -23.02 8.14 -8.88
C ASP B 450 -21.55 8.41 -8.80
C ASP B 450 -21.54 8.46 -8.75
N TRP B 451 -20.76 7.62 -8.08
CA TRP B 451 -19.32 7.83 -8.00
C TRP B 451 -18.66 7.81 -9.37
N THR B 452 -17.66 8.66 -9.54
CA THR B 452 -16.81 8.63 -10.71
C THR B 452 -15.37 8.83 -10.28
N PRO B 453 -14.40 8.51 -11.14
CA PRO B 453 -12.99 8.73 -10.81
C PRO B 453 -12.63 10.19 -10.57
N LEU B 454 -13.52 11.14 -10.85
CA LEU B 454 -13.22 12.55 -10.61
C LEU B 454 -13.81 13.05 -9.29
N ALA B 455 -14.53 12.20 -8.57
CA ALA B 455 -15.02 12.56 -7.24
C ALA B 455 -13.91 13.19 -6.41
N GLY B 456 -14.19 14.38 -5.88
CA GLY B 456 -13.25 15.07 -5.01
C GLY B 456 -12.05 15.67 -5.70
N ARG B 457 -12.03 15.69 -7.02
CA ARG B 457 -10.84 16.13 -7.72
C ARG B 457 -11.15 17.31 -8.62
N PRO B 458 -10.19 18.22 -8.83
CA PRO B 458 -8.82 18.13 -8.28
C PRO B 458 -8.73 18.51 -6.81
N GLY B 459 -7.71 18.01 -6.13
CA GLY B 459 -7.45 18.39 -4.76
C GLY B 459 -6.54 19.60 -4.70
N LEU B 460 -5.64 19.63 -3.73
CA LEU B 460 -4.77 20.78 -3.52
C LEU B 460 -3.52 20.75 -4.39
N PHE B 461 -3.37 19.75 -5.24
CA PHE B 461 -2.24 19.71 -6.16
C PHE B 461 -2.76 19.72 -7.59
N PRO B 462 -1.99 20.28 -8.53
CA PRO B 462 -2.39 20.17 -9.95
C PRO B 462 -2.44 18.71 -10.38
N GLU B 463 -3.43 18.39 -11.21
CA GLU B 463 -3.61 17.05 -11.74
C GLU B 463 -3.95 17.11 -13.22
N ASP B 464 -3.51 16.10 -13.96
CA ASP B 464 -3.85 15.97 -15.38
C ASP B 464 -5.11 15.11 -15.48
N ILE B 465 -6.26 15.76 -15.60
CA ILE B 465 -7.54 15.06 -15.65
C ILE B 465 -8.32 15.61 -16.82
N ASP B 466 -9.32 14.82 -17.24
CA ASP B 466 -10.25 15.17 -18.32
C ASP B 466 -11.64 15.31 -17.70
N THR B 467 -12.03 16.55 -17.40
CA THR B 467 -13.28 16.78 -16.69
C THR B 467 -14.51 16.57 -17.56
N SER B 468 -14.33 16.53 -18.89
CA SER B 468 -15.46 16.32 -19.79
C SER B 468 -15.86 14.85 -19.89
N ASP B 469 -15.08 13.94 -19.32
CA ASP B 469 -15.28 12.50 -19.49
C ASP B 469 -14.67 11.81 -18.28
N PRO B 470 -15.43 11.74 -17.17
CA PRO B 470 -14.81 11.27 -15.91
C PRO B 470 -14.20 9.87 -15.96
N TRP B 471 -14.72 8.97 -16.78
CA TRP B 471 -14.27 7.59 -16.75
C TRP B 471 -13.10 7.31 -17.69
N GLN B 472 -12.55 8.35 -18.34
CA GLN B 472 -11.33 8.18 -19.11
C GLN B 472 -10.24 7.52 -18.25
N PHE B 473 -9.51 6.59 -18.88
CA PHE B 473 -8.36 5.97 -18.23
C PHE B 473 -7.40 7.03 -17.68
N ARG B 474 -7.29 8.17 -18.37
CA ARG B 474 -6.49 9.28 -17.84
C ARG B 474 -6.85 9.61 -16.40
N ASN B 475 -8.14 9.51 -16.05
CA ASN B 475 -8.59 9.84 -14.71
C ASN B 475 -8.56 8.65 -13.75
N VAL B 476 -8.62 7.43 -14.29
CA VAL B 476 -8.63 6.22 -13.47
C VAL B 476 -7.23 5.86 -13.01
N LEU B 477 -6.24 5.97 -13.89
CA LEU B 477 -4.89 5.52 -13.56
C LEU B 477 -4.31 6.41 -12.48
N VAL B 478 -3.69 5.79 -11.49
CA VAL B 478 -3.06 6.53 -10.40
C VAL B 478 -1.66 6.92 -10.87
N ARG B 479 -1.43 8.22 -11.02
CA ARG B 479 -0.18 8.78 -11.50
C ARG B 479 0.37 9.76 -10.48
N ASP B 480 1.62 10.15 -10.65
CA ASP B 480 2.28 11.05 -9.72
C ASP B 480 1.59 12.41 -9.68
#